data_3LSZ
#
_entry.id   3LSZ
#
_cell.length_a   167.920
_cell.length_b   50.398
_cell.length_c   133.228
_cell.angle_alpha   90.00
_cell.angle_beta   125.51
_cell.angle_gamma   90.00
#
_symmetry.space_group_name_H-M   'C 1 2 1'
#
loop_
_entity.id
_entity.type
_entity.pdbx_description
1 polymer 'Glutathione S-transferase'
2 non-polymer GLUTATHIONE
3 non-polymer 2-AMINO-2-HYDROXYMETHYL-PROPANE-1,3-DIOL
4 non-polymer GLYCEROL
5 water water
#
_entity_poly.entity_id   1
_entity_poly.type   'polypeptide(L)'
_entity_poly.pdbx_seq_one_letter_code
;(MSE)SLKIYGVYRSRASRPLWLLAELDLPFEHVPVIQANRVAHPHGPEAPLNTASAAYLAVNPLGQIPCLEEEGLILTE
SLAITLHIARTQGGQLGPRSEPEDAL(MSE)VSWSLFAATAVEPPALEIQLIQRSGGGTSPEGQAAIAIAAERLRRPLAR
LERHFAAEDYLVGGRFTVADLNLAETLRYGQAHPALLEPFPAVAAWLDRCQSRPAFRL(MSE)(MSE)ERRAAEGHHHHH
H
;
_entity_poly.pdbx_strand_id   A,B,C,D
#
# COMPACT_ATOMS: atom_id res chain seq x y z
N SER A 2 -33.49 2.96 -28.70
CA SER A 2 -32.78 1.66 -28.57
C SER A 2 -31.81 1.72 -27.38
N LEU A 3 -31.58 0.56 -26.77
CA LEU A 3 -30.69 0.47 -25.61
C LEU A 3 -29.26 0.07 -25.99
N LYS A 4 -28.32 0.95 -25.68
CA LYS A 4 -26.90 0.71 -25.96
C LYS A 4 -26.12 0.56 -24.67
N ILE A 5 -25.28 -0.47 -24.62
CA ILE A 5 -24.44 -0.73 -23.46
C ILE A 5 -22.99 -0.68 -23.94
N TYR A 6 -22.19 0.21 -23.35
CA TYR A 6 -20.79 0.37 -23.72
C TYR A 6 -19.86 -0.33 -22.73
N GLY A 7 -18.89 -1.07 -23.24
CA GLY A 7 -17.96 -1.75 -22.37
C GLY A 7 -17.83 -3.24 -22.64
N VAL A 8 -16.61 -3.77 -22.56
CA VAL A 8 -16.38 -5.19 -22.81
C VAL A 8 -16.77 -6.02 -21.59
N TYR A 9 -16.92 -7.33 -21.79
CA TYR A 9 -17.24 -8.25 -20.71
C TYR A 9 -16.17 -8.21 -19.63
N ARG A 10 -14.92 -8.03 -20.04
CA ARG A 10 -13.82 -7.98 -19.08
C ARG A 10 -13.66 -6.59 -18.47
N SER A 11 -14.71 -6.16 -17.77
CA SER A 11 -14.74 -4.87 -17.10
C SER A 11 -15.99 -4.85 -16.22
N ARG A 12 -16.29 -3.71 -15.61
CA ARG A 12 -17.46 -3.61 -14.77
C ARG A 12 -18.72 -3.67 -15.63
N ALA A 13 -18.56 -3.73 -16.95
CA ALA A 13 -19.72 -3.84 -17.82
C ALA A 13 -20.34 -5.22 -17.61
N SER A 14 -19.60 -6.11 -16.96
CA SER A 14 -20.09 -7.46 -16.68
C SER A 14 -21.34 -7.38 -15.83
N ARG A 15 -21.49 -6.28 -15.09
CA ARG A 15 -22.66 -6.10 -14.24
C ARG A 15 -23.94 -5.97 -15.08
N PRO A 16 -23.99 -4.96 -15.98
CA PRO A 16 -25.23 -4.89 -16.78
C PRO A 16 -25.34 -6.05 -17.78
N LEU A 17 -24.20 -6.56 -18.27
CA LEU A 17 -24.26 -7.67 -19.22
C LEU A 17 -24.85 -8.90 -18.55
N TRP A 18 -24.53 -9.11 -17.27
CA TRP A 18 -25.08 -10.24 -16.54
C TRP A 18 -26.60 -10.02 -16.44
N LEU A 19 -27.00 -8.84 -15.98
CA LEU A 19 -28.43 -8.56 -15.85
C LEU A 19 -29.15 -8.74 -17.18
N LEU A 20 -28.58 -8.24 -18.25
CA LEU A 20 -29.20 -8.36 -19.55
C LEU A 20 -29.36 -9.82 -19.96
N ALA A 21 -28.44 -10.67 -19.52
CA ALA A 21 -28.51 -12.09 -19.82
C ALA A 21 -29.66 -12.74 -19.04
N GLU A 22 -29.91 -12.23 -17.83
CA GLU A 22 -30.99 -12.76 -16.98
C GLU A 22 -32.35 -12.49 -17.60
N LEU A 23 -32.48 -11.32 -18.22
CA LEU A 23 -33.73 -10.90 -18.84
C LEU A 23 -33.83 -11.28 -20.31
N ASP A 24 -32.70 -11.63 -20.90
CA ASP A 24 -32.64 -11.98 -22.31
C ASP A 24 -33.23 -10.82 -23.11
N LEU A 25 -32.89 -9.61 -22.70
CA LEU A 25 -33.39 -8.40 -23.33
C LEU A 25 -32.52 -7.95 -24.51
N PRO A 26 -33.15 -7.60 -25.65
CA PRO A 26 -32.36 -7.17 -26.80
C PRO A 26 -31.75 -5.79 -26.51
N PHE A 27 -30.50 -5.61 -26.92
CA PHE A 27 -29.80 -4.36 -26.71
C PHE A 27 -28.60 -4.33 -27.64
N GLU A 28 -28.02 -3.15 -27.85
CA GLU A 28 -26.87 -3.06 -28.72
C GLU A 28 -25.61 -3.00 -27.87
N HIS A 29 -24.80 -4.03 -27.95
CA HIS A 29 -23.56 -4.05 -27.18
C HIS A 29 -22.49 -3.32 -27.98
N VAL A 30 -21.95 -2.24 -27.41
CA VAL A 30 -20.90 -1.49 -28.07
C VAL A 30 -19.59 -1.76 -27.34
N PRO A 31 -18.72 -2.60 -27.92
CA PRO A 31 -17.46 -2.91 -27.28
C PRO A 31 -16.58 -1.66 -27.10
N VAL A 32 -16.12 -1.44 -25.88
CA VAL A 32 -15.25 -0.32 -25.55
C VAL A 32 -14.24 -0.93 -24.57
N ILE A 33 -12.98 -0.94 -24.95
CA ILE A 33 -11.95 -1.54 -24.10
C ILE A 33 -11.17 -0.48 -23.34
N GLN A 34 -10.56 -0.88 -22.23
CA GLN A 34 -9.76 0.03 -21.43
C GLN A 34 -8.57 0.48 -22.27
N ALA A 35 -8.29 1.78 -22.24
CA ALA A 35 -7.19 2.35 -23.02
C ALA A 35 -5.81 1.76 -22.73
N ASN A 36 -5.57 1.31 -21.51
CA ASN A 36 -4.26 0.75 -21.18
C ASN A 36 -4.05 -0.60 -21.85
N ARG A 37 -5.09 -1.11 -22.50
CA ARG A 37 -4.97 -2.38 -23.19
C ARG A 37 -4.79 -2.16 -24.69
N VAL A 38 -4.64 -0.90 -25.08
CA VAL A 38 -4.44 -0.54 -26.48
C VAL A 38 -3.12 0.22 -26.65
N ALA A 39 -2.33 -0.18 -27.64
CA ALA A 39 -1.04 0.44 -27.89
C ALA A 39 -1.12 1.93 -28.22
N HIS A 40 -1.97 2.29 -29.17
CA HIS A 40 -2.15 3.68 -29.58
C HIS A 40 -3.64 3.98 -29.58
N PRO A 41 -4.20 4.29 -28.42
CA PRO A 41 -5.62 4.59 -28.26
C PRO A 41 -6.20 5.63 -29.20
N HIS A 42 -5.37 6.52 -29.73
CA HIS A 42 -5.83 7.54 -30.67
C HIS A 42 -5.47 7.16 -32.10
N GLY A 43 -4.87 5.99 -32.26
CA GLY A 43 -4.47 5.54 -33.58
C GLY A 43 -5.62 5.21 -34.52
N PRO A 44 -5.37 5.21 -35.84
CA PRO A 44 -6.37 4.92 -36.87
C PRO A 44 -7.01 3.55 -36.78
N GLU A 45 -6.29 2.57 -36.26
CA GLU A 45 -6.81 1.22 -36.13
C GLU A 45 -7.07 0.80 -34.69
N ALA A 46 -7.06 1.77 -33.78
CA ALA A 46 -7.30 1.46 -32.38
C ALA A 46 -8.76 1.11 -32.18
N PRO A 47 -9.05 0.04 -31.43
CA PRO A 47 -10.46 -0.28 -31.22
C PRO A 47 -11.05 0.80 -30.32
N LEU A 48 -12.36 0.99 -30.37
CA LEU A 48 -13.00 2.01 -29.54
C LEU A 48 -12.55 1.75 -28.11
N ASN A 49 -12.05 2.80 -27.45
CA ASN A 49 -11.59 2.63 -26.07
C ASN A 49 -11.93 3.82 -25.18
N THR A 50 -11.58 3.71 -23.89
CA THR A 50 -11.90 4.75 -22.93
C THR A 50 -11.21 6.08 -23.17
N ALA A 51 -10.16 6.09 -24.00
CA ALA A 51 -9.48 7.34 -24.31
C ALA A 51 -9.91 7.86 -25.68
N SER A 52 -10.79 7.15 -26.37
CA SER A 52 -11.24 7.58 -27.69
C SER A 52 -12.11 8.84 -27.60
N ALA A 53 -11.82 9.84 -28.43
CA ALA A 53 -12.60 11.06 -28.43
C ALA A 53 -14.08 10.75 -28.65
N ALA A 54 -14.36 9.79 -29.53
CA ALA A 54 -15.74 9.43 -29.81
C ALA A 54 -16.43 8.80 -28.60
N TYR A 55 -15.66 8.18 -27.71
CA TYR A 55 -16.30 7.59 -26.52
C TYR A 55 -16.45 8.65 -25.45
N LEU A 56 -15.47 9.54 -25.35
CA LEU A 56 -15.52 10.61 -24.37
C LEU A 56 -16.73 11.51 -24.61
N ALA A 57 -17.24 11.48 -25.84
CA ALA A 57 -18.41 12.30 -26.19
C ALA A 57 -19.66 11.70 -25.54
N VAL A 58 -19.57 10.41 -25.19
CA VAL A 58 -20.68 9.70 -24.54
C VAL A 58 -20.49 9.77 -23.02
N ASN A 59 -19.31 9.37 -22.56
CA ASN A 59 -18.99 9.45 -21.14
C ASN A 59 -17.70 10.25 -20.94
N PRO A 60 -17.83 11.53 -20.58
CA PRO A 60 -16.72 12.45 -20.34
C PRO A 60 -15.69 11.94 -19.35
N LEU A 61 -16.11 11.05 -18.45
CA LEU A 61 -15.20 10.52 -17.45
C LEU A 61 -14.27 9.45 -18.01
N GLY A 62 -14.57 8.97 -19.21
CA GLY A 62 -13.74 7.96 -19.84
C GLY A 62 -13.65 6.64 -19.11
N GLN A 63 -14.80 6.13 -18.66
CA GLN A 63 -14.85 4.85 -17.98
C GLN A 63 -16.00 4.03 -18.51
N ILE A 64 -15.88 2.71 -18.38
CA ILE A 64 -16.93 1.81 -18.81
C ILE A 64 -17.44 1.15 -17.52
N PRO A 65 -18.71 0.72 -17.49
CA PRO A 65 -19.69 0.80 -18.57
C PRO A 65 -20.45 2.13 -18.64
N CYS A 66 -21.24 2.25 -19.69
CA CYS A 66 -22.07 3.42 -19.90
C CYS A 66 -23.33 2.95 -20.61
N LEU A 67 -24.46 3.53 -20.25
CA LEU A 67 -25.71 3.18 -20.89
C LEU A 67 -26.25 4.37 -21.66
N GLU A 68 -26.84 4.09 -22.81
CA GLU A 68 -27.42 5.14 -23.64
C GLU A 68 -28.77 4.68 -24.18
N GLU A 69 -29.81 5.43 -23.84
CA GLU A 69 -31.18 5.16 -24.28
C GLU A 69 -31.80 6.48 -24.71
N GLU A 70 -32.64 6.44 -25.73
CA GLU A 70 -33.33 7.63 -26.26
C GLU A 70 -32.74 8.94 -25.72
N GLY A 71 -33.38 9.50 -24.69
CA GLY A 71 -32.88 10.74 -24.13
C GLY A 71 -32.24 10.52 -22.77
N LEU A 72 -31.26 9.62 -22.70
CA LEU A 72 -30.61 9.34 -21.44
C LEU A 72 -29.25 8.66 -21.57
N ILE A 73 -28.24 9.27 -20.96
CA ILE A 73 -26.90 8.70 -20.92
C ILE A 73 -26.69 8.46 -19.43
N LEU A 74 -26.39 7.20 -19.10
CA LEU A 74 -26.23 6.83 -17.70
C LEU A 74 -24.91 6.13 -17.44
N THR A 75 -24.11 6.68 -16.55
CA THR A 75 -22.82 6.08 -16.19
C THR A 75 -23.00 5.44 -14.81
N GLU A 76 -21.95 4.79 -14.32
CA GLU A 76 -21.96 4.09 -13.03
C GLU A 76 -22.66 2.74 -13.18
N SER A 77 -21.84 1.69 -13.22
CA SER A 77 -22.33 0.33 -13.38
C SER A 77 -23.51 -0.08 -12.52
N LEU A 78 -23.49 0.31 -11.24
CA LEU A 78 -24.58 -0.09 -10.34
C LEU A 78 -25.89 0.68 -10.53
N ALA A 79 -25.80 1.88 -11.07
CA ALA A 79 -27.01 2.68 -11.33
C ALA A 79 -27.63 2.16 -12.62
N ILE A 80 -26.77 1.72 -13.54
CA ILE A 80 -27.20 1.19 -14.81
C ILE A 80 -28.03 -0.08 -14.60
N THR A 81 -27.55 -0.99 -13.77
CA THR A 81 -28.30 -2.23 -13.52
C THR A 81 -29.64 -1.95 -12.84
N LEU A 82 -29.65 -1.05 -11.87
CA LEU A 82 -30.89 -0.73 -11.19
C LEU A 82 -31.92 -0.16 -12.17
N HIS A 83 -31.47 0.74 -13.04
CA HIS A 83 -32.34 1.36 -14.04
C HIS A 83 -32.95 0.33 -14.97
N ILE A 84 -32.12 -0.60 -15.45
CA ILE A 84 -32.61 -1.65 -16.33
C ILE A 84 -33.60 -2.54 -15.58
N ALA A 85 -33.26 -2.88 -14.34
CA ALA A 85 -34.11 -3.74 -13.53
C ALA A 85 -35.46 -3.10 -13.26
N ARG A 86 -35.46 -1.81 -12.97
CA ARG A 86 -36.70 -1.10 -12.68
C ARG A 86 -37.60 -0.96 -13.90
N THR A 87 -37.00 -0.73 -15.05
CA THR A 87 -37.78 -0.54 -16.27
C THR A 87 -38.12 -1.80 -17.06
N GLN A 88 -37.36 -2.87 -16.90
CA GLN A 88 -37.64 -4.09 -17.66
C GLN A 88 -37.21 -5.38 -16.99
N GLY A 89 -36.87 -5.31 -15.70
CA GLY A 89 -36.42 -6.51 -15.01
C GLY A 89 -37.46 -7.39 -14.37
N GLY A 90 -38.72 -6.97 -14.34
CA GLY A 90 -39.75 -7.78 -13.72
C GLY A 90 -39.46 -7.95 -12.24
N GLN A 91 -39.43 -9.19 -11.76
CA GLN A 91 -39.17 -9.45 -10.35
C GLN A 91 -37.72 -9.19 -9.91
N LEU A 92 -36.83 -8.98 -10.87
CA LEU A 92 -35.44 -8.68 -10.51
C LEU A 92 -35.33 -7.22 -10.06
N GLY A 93 -36.38 -6.46 -10.36
CA GLY A 93 -36.42 -5.06 -9.98
C GLY A 93 -37.25 -4.87 -8.73
N PRO A 94 -37.38 -3.63 -8.24
CA PRO A 94 -38.15 -3.32 -7.03
C PRO A 94 -39.67 -3.42 -7.18
N ARG A 95 -40.33 -3.95 -6.15
CA ARG A 95 -41.77 -4.09 -6.14
C ARG A 95 -42.42 -2.84 -5.57
N SER A 96 -41.62 -2.02 -4.91
CA SER A 96 -42.12 -0.81 -4.28
C SER A 96 -41.02 0.21 -4.07
N GLU A 97 -41.39 1.41 -3.61
CA GLU A 97 -40.41 2.47 -3.35
C GLU A 97 -39.46 2.03 -2.23
N PRO A 98 -40.00 1.37 -1.18
CA PRO A 98 -39.12 0.94 -0.09
C PRO A 98 -38.11 -0.10 -0.59
N GLU A 99 -38.56 -1.06 -1.40
CA GLU A 99 -37.62 -2.05 -1.93
C GLU A 99 -36.57 -1.33 -2.75
N ASP A 100 -37.00 -0.38 -3.58
CA ASP A 100 -36.06 0.35 -4.42
C ASP A 100 -35.02 1.05 -3.56
N ALA A 101 -35.47 1.63 -2.45
CA ALA A 101 -34.54 2.33 -1.55
C ALA A 101 -33.52 1.35 -0.99
N LEU A 102 -33.98 0.16 -0.62
CA LEU A 102 -33.07 -0.86 -0.09
C LEU A 102 -32.06 -1.28 -1.14
N VAL A 104 -30.95 0.54 -3.64
CA VAL A 104 -30.00 1.63 -3.82
C VAL A 104 -29.03 1.61 -2.65
N SER A 105 -29.56 1.45 -1.44
CA SER A 105 -28.70 1.43 -0.25
C SER A 105 -27.69 0.27 -0.30
N TRP A 106 -28.15 -0.91 -0.67
CA TRP A 106 -27.24 -2.05 -0.76
C TRP A 106 -26.16 -1.82 -1.82
N SER A 107 -26.54 -1.15 -2.91
CA SER A 107 -25.61 -0.85 -4.00
C SER A 107 -24.54 0.14 -3.54
N LEU A 108 -24.93 1.10 -2.70
CA LEU A 108 -23.98 2.08 -2.19
C LEU A 108 -23.05 1.41 -1.19
N PHE A 109 -23.60 0.45 -0.43
CA PHE A 109 -22.84 -0.30 0.56
C PHE A 109 -21.80 -1.13 -0.21
N ALA A 110 -22.24 -1.72 -1.31
CA ALA A 110 -21.36 -2.54 -2.13
C ALA A 110 -20.24 -1.69 -2.72
N ALA A 111 -20.61 -0.53 -3.24
CA ALA A 111 -19.63 0.37 -3.87
C ALA A 111 -18.65 1.03 -2.90
N THR A 112 -19.07 1.25 -1.65
CA THR A 112 -18.19 1.92 -0.70
C THR A 112 -17.52 1.03 0.36
N ALA A 113 -18.20 -0.03 0.78
CA ALA A 113 -17.68 -0.91 1.82
C ALA A 113 -17.02 -2.18 1.32
N VAL A 114 -17.49 -2.69 0.19
CA VAL A 114 -16.97 -3.93 -0.38
C VAL A 114 -16.03 -3.75 -1.57
N GLU A 115 -16.49 -3.02 -2.58
CA GLU A 115 -15.68 -2.85 -3.78
C GLU A 115 -14.25 -2.37 -3.62
N PRO A 116 -14.01 -1.27 -2.89
CA PRO A 116 -12.62 -0.83 -2.75
C PRO A 116 -11.61 -1.87 -2.25
N PRO A 117 -11.86 -2.50 -1.09
CA PRO A 117 -10.94 -3.53 -0.57
C PRO A 117 -10.89 -4.79 -1.44
N ALA A 118 -12.06 -5.21 -1.93
CA ALA A 118 -12.11 -6.39 -2.78
C ALA A 118 -11.29 -6.19 -4.04
N LEU A 119 -11.40 -5.00 -4.65
CA LEU A 119 -10.66 -4.70 -5.86
C LEU A 119 -9.16 -4.71 -5.55
N GLU A 120 -8.78 -4.13 -4.41
CA GLU A 120 -7.38 -4.11 -4.01
C GLU A 120 -6.86 -5.54 -4.01
N ILE A 121 -7.64 -6.46 -3.45
CA ILE A 121 -7.23 -7.85 -3.41
C ILE A 121 -7.09 -8.40 -4.84
N GLN A 122 -8.06 -8.11 -5.70
CA GLN A 122 -8.00 -8.60 -7.08
C GLN A 122 -6.75 -8.13 -7.80
N LEU A 123 -6.47 -6.83 -7.72
CA LEU A 123 -5.30 -6.28 -8.40
C LEU A 123 -3.99 -6.90 -7.94
N ILE A 124 -3.85 -7.10 -6.64
CA ILE A 124 -2.64 -7.71 -6.11
C ILE A 124 -2.54 -9.18 -6.54
N GLN A 125 -3.66 -9.88 -6.56
CA GLN A 125 -3.66 -11.27 -6.99
C GLN A 125 -3.23 -11.38 -8.45
N ARG A 126 -3.79 -10.50 -9.30
CA ARG A 126 -3.45 -10.52 -10.72
C ARG A 126 -1.97 -10.28 -10.96
N SER A 127 -1.34 -9.47 -10.10
CA SER A 127 0.07 -9.15 -10.27
C SER A 127 1.00 -10.21 -9.69
N GLY A 128 0.43 -11.21 -9.04
CA GLY A 128 1.23 -12.29 -8.48
C GLY A 128 0.97 -12.66 -7.03
N GLY A 129 0.24 -11.82 -6.30
CA GLY A 129 -0.03 -12.11 -4.90
C GLY A 129 0.99 -11.44 -4.00
N GLY A 130 1.39 -12.13 -2.93
CA GLY A 130 2.37 -11.56 -2.02
C GLY A 130 3.76 -11.60 -2.60
N THR A 131 3.99 -10.76 -3.62
CA THR A 131 5.28 -10.70 -4.29
C THR A 131 6.27 -9.74 -3.61
N SER A 132 5.86 -9.22 -2.47
CA SER A 132 6.70 -8.33 -1.68
C SER A 132 6.01 -8.12 -0.33
N PRO A 133 6.77 -7.66 0.67
CA PRO A 133 6.20 -7.42 2.00
C PRO A 133 5.00 -6.47 1.91
N GLU A 134 5.11 -5.48 1.02
CA GLU A 134 4.05 -4.50 0.81
C GLU A 134 2.80 -5.17 0.26
N GLY A 135 3.00 -6.11 -0.66
CA GLY A 135 1.88 -6.82 -1.26
C GLY A 135 1.12 -7.68 -0.27
N GLN A 136 1.84 -8.44 0.55
CA GLN A 136 1.20 -9.29 1.56
C GLN A 136 0.42 -8.41 2.53
N ALA A 137 1.02 -7.29 2.93
CA ALA A 137 0.39 -6.37 3.86
C ALA A 137 -0.86 -5.76 3.24
N ALA A 138 -0.77 -5.35 1.99
CA ALA A 138 -1.92 -4.75 1.30
C ALA A 138 -3.09 -5.71 1.30
N ILE A 139 -2.82 -6.99 1.08
CA ILE A 139 -3.87 -8.00 1.07
C ILE A 139 -4.46 -8.17 2.47
N ALA A 140 -3.60 -8.23 3.48
CA ALA A 140 -4.04 -8.40 4.85
C ALA A 140 -4.88 -7.20 5.30
N ILE A 141 -4.50 -6.02 4.85
CA ILE A 141 -5.23 -4.80 5.21
C ILE A 141 -6.61 -4.82 4.56
N ALA A 142 -6.66 -5.16 3.28
CA ALA A 142 -7.92 -5.21 2.56
C ALA A 142 -8.85 -6.24 3.18
N ALA A 143 -8.30 -7.41 3.50
CA ALA A 143 -9.11 -8.46 4.10
C ALA A 143 -9.70 -7.99 5.43
N GLU A 144 -8.92 -7.22 6.19
CA GLU A 144 -9.41 -6.71 7.47
C GLU A 144 -10.48 -5.64 7.25
N ARG A 145 -10.36 -4.88 6.18
CA ARG A 145 -11.34 -3.83 5.87
C ARG A 145 -12.67 -4.48 5.53
N LEU A 146 -12.62 -5.71 5.04
CA LEU A 146 -13.84 -6.42 4.67
C LEU A 146 -14.50 -7.18 5.82
N ARG A 147 -13.83 -7.27 6.96
CA ARG A 147 -14.39 -8.00 8.09
C ARG A 147 -15.76 -7.50 8.55
N ARG A 148 -15.88 -6.21 8.85
CA ARG A 148 -17.18 -5.71 9.29
C ARG A 148 -18.26 -5.91 8.23
N PRO A 149 -17.99 -5.51 6.97
CA PRO A 149 -19.00 -5.69 5.91
C PRO A 149 -19.45 -7.16 5.79
N LEU A 150 -18.50 -8.07 5.73
CA LEU A 150 -18.84 -9.50 5.61
C LEU A 150 -19.63 -10.02 6.81
N ALA A 151 -19.22 -9.65 8.01
CA ALA A 151 -19.94 -10.10 9.21
C ALA A 151 -21.37 -9.57 9.20
N ARG A 152 -21.56 -8.36 8.70
CA ARG A 152 -22.90 -7.77 8.63
C ARG A 152 -23.72 -8.62 7.66
N LEU A 153 -23.09 -9.04 6.56
CA LEU A 153 -23.77 -9.87 5.58
C LEU A 153 -24.08 -11.23 6.17
N GLU A 154 -23.14 -11.81 6.90
CA GLU A 154 -23.34 -13.14 7.49
C GLU A 154 -24.57 -13.14 8.40
N ARG A 155 -24.78 -12.03 9.11
CA ARG A 155 -25.94 -11.91 9.99
C ARG A 155 -27.21 -11.86 9.14
N HIS A 156 -27.17 -11.09 8.06
CA HIS A 156 -28.34 -10.98 7.19
C HIS A 156 -28.70 -12.32 6.56
N PHE A 157 -27.69 -13.04 6.07
CA PHE A 157 -27.93 -14.32 5.42
C PHE A 157 -28.18 -15.47 6.39
N ALA A 158 -28.17 -15.16 7.68
CA ALA A 158 -28.43 -16.18 8.68
C ALA A 158 -29.93 -16.44 8.67
N ALA A 159 -30.69 -15.49 8.15
CA ALA A 159 -32.15 -15.60 8.10
C ALA A 159 -32.75 -15.40 6.71
N GLU A 160 -31.96 -14.89 5.77
CA GLU A 160 -32.45 -14.66 4.41
C GLU A 160 -31.50 -15.29 3.39
N ASP A 161 -32.04 -15.70 2.24
CA ASP A 161 -31.22 -16.29 1.18
C ASP A 161 -30.80 -15.22 0.18
N TYR A 162 -31.45 -14.06 0.24
CA TYR A 162 -31.15 -12.96 -0.67
C TYR A 162 -31.24 -11.63 0.07
N LEU A 163 -30.64 -10.58 -0.49
CA LEU A 163 -30.64 -9.26 0.15
C LEU A 163 -32.02 -8.64 0.39
N VAL A 164 -32.82 -8.59 -0.66
CA VAL A 164 -34.15 -7.98 -0.61
C VAL A 164 -35.30 -8.86 -1.09
N GLY A 165 -36.41 -8.84 -0.35
CA GLY A 165 -37.60 -9.58 -0.72
C GLY A 165 -37.53 -11.10 -0.85
N GLY A 166 -36.53 -11.71 -0.21
CA GLY A 166 -36.41 -13.16 -0.26
C GLY A 166 -36.36 -13.75 -1.65
N ARG A 167 -35.82 -12.99 -2.60
CA ARG A 167 -35.70 -13.46 -3.98
C ARG A 167 -34.49 -12.81 -4.62
N PHE A 168 -33.95 -13.43 -5.66
CA PHE A 168 -32.80 -12.85 -6.35
C PHE A 168 -33.25 -11.58 -7.05
N THR A 169 -32.54 -10.48 -6.83
CA THR A 169 -32.86 -9.21 -7.46
C THR A 169 -31.55 -8.53 -7.88
N VAL A 170 -31.67 -7.37 -8.52
CA VAL A 170 -30.49 -6.64 -8.96
C VAL A 170 -29.60 -6.24 -7.76
N ALA A 171 -30.16 -6.24 -6.55
CA ALA A 171 -29.37 -5.91 -5.37
C ALA A 171 -28.32 -6.99 -5.14
N ASP A 172 -28.73 -8.25 -5.30
CA ASP A 172 -27.81 -9.36 -5.14
C ASP A 172 -26.77 -9.34 -6.25
N LEU A 173 -27.23 -9.09 -7.47
CA LEU A 173 -26.35 -9.05 -8.61
C LEU A 173 -25.27 -8.01 -8.39
N ASN A 174 -25.69 -6.82 -7.94
CA ASN A 174 -24.74 -5.74 -7.70
C ASN A 174 -23.70 -6.04 -6.62
N LEU A 175 -24.15 -6.50 -5.46
CA LEU A 175 -23.22 -6.82 -4.38
C LEU A 175 -22.32 -8.00 -4.75
N ALA A 176 -22.90 -8.99 -5.42
CA ALA A 176 -22.14 -10.18 -5.83
C ALA A 176 -20.98 -9.83 -6.76
N GLU A 177 -21.21 -8.90 -7.68
CA GLU A 177 -20.16 -8.51 -8.60
C GLU A 177 -19.03 -7.76 -7.91
N THR A 178 -19.36 -6.95 -6.90
CA THR A 178 -18.30 -6.23 -6.18
C THR A 178 -17.49 -7.21 -5.32
N LEU A 179 -18.14 -8.24 -4.78
CA LEU A 179 -17.44 -9.20 -3.94
C LEU A 179 -16.63 -10.19 -4.79
N ARG A 180 -17.03 -10.38 -6.05
CA ARG A 180 -16.32 -11.31 -6.92
C ARG A 180 -14.83 -10.95 -7.00
N TYR A 181 -14.54 -9.66 -6.88
CA TYR A 181 -13.14 -9.21 -6.93
C TYR A 181 -12.25 -9.92 -5.90
N GLY A 182 -12.74 -10.12 -4.69
CA GLY A 182 -11.92 -10.75 -3.67
C GLY A 182 -12.21 -12.21 -3.42
N GLN A 183 -13.04 -12.79 -4.27
CA GLN A 183 -13.46 -14.18 -4.15
C GLN A 183 -12.36 -15.23 -4.00
N ALA A 184 -11.28 -15.07 -4.76
CA ALA A 184 -10.18 -16.02 -4.73
C ALA A 184 -9.28 -15.97 -3.48
N HIS A 185 -9.35 -14.88 -2.73
CA HIS A 185 -8.53 -14.79 -1.52
C HIS A 185 -8.80 -15.99 -0.62
N PRO A 186 -7.73 -16.70 -0.23
CA PRO A 186 -7.91 -17.88 0.62
C PRO A 186 -8.50 -17.61 2.00
N ALA A 187 -9.56 -18.33 2.32
CA ALA A 187 -10.23 -18.23 3.61
C ALA A 187 -10.99 -16.93 3.86
N LEU A 188 -11.02 -16.05 2.87
CA LEU A 188 -11.72 -14.78 3.03
C LEU A 188 -13.15 -15.03 3.52
N LEU A 189 -13.79 -16.03 2.94
CA LEU A 189 -15.17 -16.37 3.31
C LEU A 189 -15.26 -17.59 4.22
N GLU A 190 -14.12 -18.05 4.71
CA GLU A 190 -14.10 -19.21 5.61
C GLU A 190 -14.91 -18.92 6.87
N PRO A 191 -14.76 -17.71 7.43
CA PRO A 191 -15.51 -17.39 8.64
C PRO A 191 -16.96 -17.00 8.32
N PHE A 192 -17.28 -16.90 7.04
CA PHE A 192 -18.61 -16.49 6.61
C PHE A 192 -19.31 -17.45 5.64
N PRO A 193 -19.66 -18.65 6.12
CA PRO A 193 -20.33 -19.67 5.30
C PRO A 193 -21.67 -19.27 4.69
N ALA A 194 -22.47 -18.49 5.41
CA ALA A 194 -23.76 -18.05 4.89
C ALA A 194 -23.53 -17.10 3.70
N VAL A 195 -22.51 -16.27 3.79
CA VAL A 195 -22.18 -15.34 2.71
C VAL A 195 -21.68 -16.16 1.53
N ALA A 196 -20.83 -17.13 1.81
CA ALA A 196 -20.27 -17.97 0.74
C ALA A 196 -21.39 -18.71 -0.01
N ALA A 197 -22.35 -19.23 0.73
CA ALA A 197 -23.45 -19.98 0.11
C ALA A 197 -24.32 -19.04 -0.72
N TRP A 198 -24.41 -17.79 -0.28
CA TRP A 198 -25.19 -16.82 -1.01
C TRP A 198 -24.51 -16.47 -2.33
N LEU A 199 -23.20 -16.31 -2.29
CA LEU A 199 -22.46 -15.99 -3.50
C LEU A 199 -22.57 -17.17 -4.48
N ASP A 200 -22.53 -18.40 -3.94
CA ASP A 200 -22.63 -19.58 -4.79
C ASP A 200 -24.03 -19.64 -5.39
N ARG A 201 -25.02 -19.24 -4.61
CA ARG A 201 -26.41 -19.23 -5.04
C ARG A 201 -26.57 -18.28 -6.23
N CYS A 202 -25.94 -17.12 -6.16
CA CYS A 202 -26.03 -16.15 -7.25
C CYS A 202 -25.21 -16.58 -8.46
N GLN A 203 -24.04 -17.16 -8.22
CA GLN A 203 -23.17 -17.56 -9.33
C GLN A 203 -23.50 -18.88 -10.00
N SER A 204 -24.43 -19.66 -9.44
CA SER A 204 -24.79 -20.91 -10.08
C SER A 204 -25.92 -20.69 -11.09
N ARG A 205 -26.41 -19.45 -11.15
CA ARG A 205 -27.48 -19.13 -12.09
C ARG A 205 -26.96 -19.23 -13.52
N PRO A 206 -27.76 -19.80 -14.42
CA PRO A 206 -27.36 -19.94 -15.83
C PRO A 206 -26.85 -18.65 -16.47
N ALA A 207 -27.49 -17.53 -16.17
CA ALA A 207 -27.08 -16.26 -16.76
C ALA A 207 -25.69 -15.82 -16.33
N PHE A 208 -25.33 -16.09 -15.08
CA PHE A 208 -24.00 -15.72 -14.61
C PHE A 208 -22.96 -16.58 -15.34
N ARG A 209 -23.19 -17.89 -15.38
CA ARG A 209 -22.25 -18.79 -16.04
C ARG A 209 -22.04 -18.38 -17.49
N LEU A 210 -23.12 -18.03 -18.17
CA LEU A 210 -23.06 -17.59 -19.56
C LEU A 210 -22.24 -16.31 -19.68
N GLU A 213 -18.67 -17.14 -19.39
CA GLU A 213 -18.17 -17.86 -20.56
C GLU A 213 -17.85 -16.85 -21.66
N ARG A 214 -18.71 -15.86 -21.79
CA ARG A 214 -18.51 -14.81 -22.79
C ARG A 214 -17.27 -14.00 -22.42
N ARG A 215 -17.14 -13.69 -21.13
CA ARG A 215 -16.01 -12.93 -20.63
C ARG A 215 -14.69 -13.65 -20.94
N ALA A 216 -14.69 -14.96 -20.79
CA ALA A 216 -13.49 -15.74 -21.05
C ALA A 216 -13.10 -15.84 -22.52
N ALA A 217 -14.09 -15.84 -23.41
CA ALA A 217 -13.84 -15.99 -24.85
C ALA A 217 -13.77 -14.70 -25.66
N GLU A 218 -14.05 -13.58 -25.01
CA GLU A 218 -14.06 -12.27 -25.65
C GLU A 218 -12.76 -11.89 -26.35
N GLY A 219 -12.87 -11.37 -27.57
CA GLY A 219 -11.68 -10.97 -28.31
C GLY A 219 -12.02 -10.61 -29.75
N HIS A 220 -11.05 -10.06 -30.47
CA HIS A 220 -11.29 -9.65 -31.85
C HIS A 220 -10.63 -10.63 -32.82
N HIS A 221 -11.33 -10.94 -33.90
CA HIS A 221 -10.83 -11.86 -34.91
C HIS A 221 -10.28 -11.08 -36.10
N HIS A 222 -9.03 -11.35 -36.44
CA HIS A 222 -8.39 -10.68 -37.57
C HIS A 222 -8.17 -11.76 -38.60
N HIS A 223 -8.79 -11.64 -39.77
CA HIS A 223 -8.63 -12.64 -40.80
C HIS A 223 -7.34 -12.42 -41.57
N HIS A 224 -6.55 -13.49 -41.69
CA HIS A 224 -5.29 -13.43 -42.41
C HIS A 224 -5.30 -14.49 -43.49
N LEU B 3 35.72 -24.41 8.02
CA LEU B 3 34.75 -23.47 7.36
C LEU B 3 33.55 -24.21 6.77
N LYS B 4 32.37 -23.93 7.32
CA LYS B 4 31.14 -24.57 6.84
C LYS B 4 30.14 -23.53 6.32
N ILE B 5 29.52 -23.81 5.18
CA ILE B 5 28.52 -22.93 4.59
C ILE B 5 27.21 -23.69 4.51
N TYR B 6 26.17 -23.12 5.13
CA TYR B 6 24.85 -23.73 5.16
C TYR B 6 23.93 -23.08 4.15
N GLY B 7 23.28 -23.89 3.31
CA GLY B 7 22.35 -23.36 2.33
C GLY B 7 22.54 -23.87 0.92
N VAL B 8 21.43 -24.21 0.26
CA VAL B 8 21.46 -24.72 -1.10
C VAL B 8 21.83 -23.62 -2.11
N TYR B 9 22.29 -24.04 -3.29
CA TYR B 9 22.67 -23.10 -4.34
C TYR B 9 21.49 -22.22 -4.74
N ARG B 10 20.28 -22.80 -4.73
CA ARG B 10 19.08 -22.06 -5.10
C ARG B 10 18.57 -21.21 -3.94
N SER B 11 19.45 -20.33 -3.44
CA SER B 11 19.11 -19.42 -2.35
C SER B 11 20.22 -18.37 -2.31
N ARG B 12 20.14 -17.48 -1.31
CA ARG B 12 21.13 -16.43 -1.15
C ARG B 12 22.49 -17.04 -0.81
N ALA B 13 22.52 -18.35 -0.59
CA ALA B 13 23.80 -19.01 -0.30
C ALA B 13 24.65 -18.93 -1.56
N SER B 14 24.04 -18.57 -2.68
CA SER B 14 24.74 -18.45 -3.95
C SER B 14 25.85 -17.42 -3.87
N ARG B 15 25.69 -16.45 -2.96
CA ARG B 15 26.68 -15.40 -2.80
C ARG B 15 27.98 -15.96 -2.24
N PRO B 16 27.94 -16.61 -1.07
CA PRO B 16 29.21 -17.16 -0.57
C PRO B 16 29.72 -18.31 -1.44
N LEU B 17 28.83 -19.07 -2.06
CA LEU B 17 29.26 -20.18 -2.91
C LEU B 17 30.00 -19.65 -4.13
N TRP B 18 29.50 -18.56 -4.73
CA TRP B 18 30.20 -17.97 -5.87
C TRP B 18 31.58 -17.54 -5.40
N LEU B 19 31.65 -16.85 -4.26
CA LEU B 19 32.92 -16.38 -3.75
C LEU B 19 33.92 -17.50 -3.52
N LEU B 20 33.47 -18.58 -2.88
CA LEU B 20 34.37 -19.70 -2.62
C LEU B 20 34.85 -20.32 -3.93
N ALA B 21 34.00 -20.27 -4.95
CA ALA B 21 34.37 -20.81 -6.26
C ALA B 21 35.49 -19.96 -6.85
N GLU B 22 35.55 -18.69 -6.46
CA GLU B 22 36.61 -17.78 -6.93
C GLU B 22 37.94 -18.14 -6.28
N LEU B 23 37.87 -18.84 -5.16
CA LEU B 23 39.05 -19.22 -4.41
C LEU B 23 39.41 -20.71 -4.49
N ASP B 24 40.66 -21.02 -4.19
CA ASP B 24 41.13 -22.41 -4.20
C ASP B 24 41.12 -22.82 -2.73
N LEU B 25 39.93 -22.81 -2.13
CA LEU B 25 39.77 -23.13 -0.73
C LEU B 25 38.75 -24.21 -0.44
N PRO B 26 39.17 -25.29 0.24
CA PRO B 26 38.24 -26.36 0.56
C PRO B 26 37.32 -25.90 1.69
N PHE B 27 36.08 -26.39 1.70
CA PHE B 27 35.15 -26.02 2.75
C PHE B 27 34.06 -27.07 2.81
N GLU B 28 33.26 -27.06 3.87
CA GLU B 28 32.19 -28.04 3.99
C GLU B 28 30.88 -27.35 3.62
N HIS B 29 30.21 -27.87 2.59
CA HIS B 29 28.94 -27.30 2.18
C HIS B 29 27.84 -28.14 2.80
N VAL B 30 27.05 -27.53 3.67
CA VAL B 30 25.95 -28.22 4.31
C VAL B 30 24.66 -27.77 3.66
N PRO B 31 24.13 -28.59 2.73
CA PRO B 31 22.90 -28.17 2.07
C PRO B 31 21.73 -28.13 3.05
N VAL B 32 21.10 -26.96 3.12
CA VAL B 32 19.95 -26.73 3.98
C VAL B 32 18.92 -26.12 3.02
N ILE B 33 17.73 -26.70 2.98
CA ILE B 33 16.67 -26.22 2.11
C ILE B 33 15.67 -25.36 2.86
N GLN B 34 15.01 -24.47 2.12
CA GLN B 34 13.99 -23.61 2.70
C GLN B 34 12.87 -24.53 3.18
N ALA B 35 12.44 -24.34 4.43
CA ALA B 35 11.40 -25.18 5.01
C ALA B 35 10.13 -25.29 4.17
N ASN B 36 9.74 -24.19 3.52
CA ASN B 36 8.53 -24.21 2.71
C ASN B 36 8.63 -25.12 1.49
N ARG B 37 9.83 -25.62 1.22
CA ARG B 37 10.04 -26.51 0.09
C ARG B 37 10.04 -27.97 0.54
N VAL B 38 9.72 -28.20 1.81
CA VAL B 38 9.68 -29.54 2.39
C VAL B 38 8.29 -29.81 3.00
N ALA B 39 7.70 -30.94 2.61
CA ALA B 39 6.37 -31.32 3.10
C ALA B 39 6.21 -31.24 4.62
N HIS B 40 6.98 -32.05 5.35
CA HIS B 40 6.93 -32.08 6.81
C HIS B 40 8.29 -31.71 7.37
N PRO B 41 8.65 -30.42 7.31
CA PRO B 41 9.93 -29.89 7.79
C PRO B 41 10.36 -30.26 9.21
N HIS B 42 9.40 -30.37 10.13
CA HIS B 42 9.71 -30.73 11.51
C HIS B 42 9.96 -32.21 11.63
N GLY B 43 9.42 -32.98 10.68
CA GLY B 43 9.56 -34.42 10.69
C GLY B 43 10.93 -34.97 11.06
N PRO B 44 10.97 -36.04 11.87
CA PRO B 44 12.25 -36.64 12.27
C PRO B 44 13.02 -37.15 11.05
N GLU B 45 12.30 -37.41 9.96
CA GLU B 45 12.90 -37.93 8.74
C GLU B 45 13.04 -36.90 7.62
N ALA B 46 12.73 -35.64 7.92
CA ALA B 46 12.84 -34.59 6.91
C ALA B 46 14.29 -34.16 6.74
N PRO B 47 14.70 -33.84 5.51
CA PRO B 47 16.08 -33.41 5.28
C PRO B 47 16.31 -32.05 5.95
N LEU B 48 17.52 -31.83 6.46
CA LEU B 48 17.85 -30.58 7.15
C LEU B 48 17.33 -29.37 6.39
N ASN B 49 16.50 -28.57 7.06
CA ASN B 49 15.90 -27.39 6.45
C ASN B 49 15.86 -26.21 7.42
N THR B 50 15.40 -25.05 6.96
CA THR B 50 15.40 -23.87 7.82
C THR B 50 14.50 -23.93 9.04
N ALA B 51 13.64 -24.95 9.11
CA ALA B 51 12.74 -25.10 10.26
C ALA B 51 13.25 -26.21 11.21
N SER B 52 14.31 -26.89 10.82
CA SER B 52 14.88 -27.95 11.64
C SER B 52 15.46 -27.37 12.93
N ALA B 53 15.20 -28.04 14.05
CA ALA B 53 15.72 -27.60 15.33
C ALA B 53 17.24 -27.58 15.30
N ALA B 54 17.80 -28.58 14.62
CA ALA B 54 19.25 -28.70 14.50
C ALA B 54 19.84 -27.50 13.76
N TYR B 55 19.05 -26.88 12.90
CA TYR B 55 19.55 -25.72 12.17
C TYR B 55 19.31 -24.42 12.91
N LEU B 56 18.19 -24.36 13.63
CA LEU B 56 17.85 -23.17 14.40
C LEU B 56 18.86 -22.96 15.51
N ALA B 57 19.57 -24.03 15.86
CA ALA B 57 20.59 -23.95 16.89
C ALA B 57 21.84 -23.30 16.29
N VAL B 58 21.89 -23.23 14.97
CA VAL B 58 23.01 -22.61 14.25
C VAL B 58 22.59 -21.17 13.94
N ASN B 59 21.47 -21.01 13.23
CA ASN B 59 20.94 -19.69 12.91
C ASN B 59 19.52 -19.59 13.47
N PRO B 60 19.38 -18.97 14.66
CA PRO B 60 18.09 -18.81 15.33
C PRO B 60 17.03 -18.13 14.47
N LEU B 61 17.45 -17.36 13.48
CA LEU B 61 16.50 -16.67 12.61
C LEU B 61 15.87 -17.62 11.60
N GLY B 62 16.46 -18.80 11.46
CA GLY B 62 15.90 -19.78 10.52
C GLY B 62 16.01 -19.40 9.06
N GLN B 63 17.16 -18.85 8.67
CA GLN B 63 17.36 -18.46 7.29
C GLN B 63 18.69 -18.97 6.79
N ILE B 64 18.84 -19.04 5.47
CA ILE B 64 20.09 -19.44 4.87
C ILE B 64 20.50 -18.24 4.01
N PRO B 65 21.81 -18.06 3.78
CA PRO B 65 22.93 -18.87 4.24
C PRO B 65 23.39 -18.56 5.67
N CYS B 66 24.34 -19.36 6.14
CA CYS B 66 24.93 -19.17 7.45
C CYS B 66 26.33 -19.71 7.36
N LEU B 67 27.28 -19.04 8.01
CA LEU B 67 28.66 -19.49 8.01
C LEU B 67 29.07 -19.90 9.42
N GLU B 68 29.83 -20.98 9.51
CA GLU B 68 30.30 -21.43 10.80
C GLU B 68 31.76 -21.81 10.68
N GLU B 69 32.58 -21.20 11.52
CA GLU B 69 34.02 -21.46 11.56
C GLU B 69 34.36 -21.76 13.01
N GLU B 70 35.61 -22.11 13.25
CA GLU B 70 36.06 -22.40 14.61
C GLU B 70 35.82 -21.16 15.49
N GLY B 71 34.79 -21.23 16.33
CA GLY B 71 34.49 -20.12 17.22
C GLY B 71 33.75 -18.93 16.62
N LEU B 72 33.01 -19.14 15.53
CA LEU B 72 32.28 -18.05 14.90
C LEU B 72 31.13 -18.53 14.03
N ILE B 73 29.95 -17.99 14.31
CA ILE B 73 28.76 -18.30 13.54
C ILE B 73 28.33 -16.96 12.98
N LEU B 74 28.20 -16.88 11.67
CA LEU B 74 27.85 -15.63 11.00
C LEU B 74 26.67 -15.79 10.05
N THR B 75 25.67 -14.94 10.23
CA THR B 75 24.51 -14.95 9.37
C THR B 75 24.60 -13.72 8.46
N GLU B 76 23.64 -13.57 7.55
CA GLU B 76 23.60 -12.47 6.59
C GLU B 76 24.58 -12.72 5.45
N SER B 77 24.04 -13.12 4.31
CA SER B 77 24.82 -13.43 3.12
C SER B 77 25.91 -12.43 2.76
N LEU B 78 25.60 -11.14 2.77
CA LEU B 78 26.59 -10.15 2.40
C LEU B 78 27.69 -9.94 3.43
N ALA B 79 27.41 -10.27 4.70
CA ALA B 79 28.42 -10.14 5.75
C ALA B 79 29.34 -11.36 5.62
N ILE B 80 28.74 -12.50 5.31
CA ILE B 80 29.49 -13.73 5.16
C ILE B 80 30.52 -13.58 4.05
N THR B 81 30.11 -13.03 2.92
CA THR B 81 31.04 -12.86 1.80
C THR B 81 32.15 -11.87 2.13
N LEU B 82 31.81 -10.77 2.80
CA LEU B 82 32.83 -9.80 3.15
C LEU B 82 33.85 -10.44 4.07
N HIS B 83 33.37 -11.19 5.07
CA HIS B 83 34.27 -11.87 6.00
C HIS B 83 35.22 -12.83 5.28
N ILE B 84 34.66 -13.66 4.40
CA ILE B 84 35.45 -14.62 3.66
C ILE B 84 36.49 -13.93 2.76
N ALA B 85 36.06 -12.88 2.07
CA ALA B 85 36.95 -12.16 1.17
C ALA B 85 38.11 -11.50 1.90
N ARG B 86 37.83 -10.92 3.07
CA ARG B 86 38.86 -10.25 3.85
C ARG B 86 39.84 -11.19 4.55
N THR B 87 39.42 -12.43 4.82
CA THR B 87 40.30 -13.37 5.52
C THR B 87 40.87 -14.47 4.63
N GLN B 88 40.21 -14.74 3.50
CA GLN B 88 40.65 -15.80 2.60
C GLN B 88 40.69 -15.37 1.13
N GLY B 89 40.11 -14.21 0.83
CA GLY B 89 40.00 -13.78 -0.55
C GLY B 89 41.09 -13.08 -1.31
N GLY B 90 42.24 -12.83 -0.69
CA GLY B 90 43.30 -12.15 -1.41
C GLY B 90 42.85 -10.81 -1.96
N GLN B 91 43.07 -10.57 -3.25
CA GLN B 91 42.72 -9.30 -3.87
C GLN B 91 41.22 -9.06 -4.02
N LEU B 92 40.41 -10.07 -3.72
CA LEU B 92 38.96 -9.90 -3.79
C LEU B 92 38.48 -9.18 -2.53
N GLY B 93 39.38 -9.10 -1.55
CA GLY B 93 39.09 -8.44 -0.29
C GLY B 93 39.69 -7.06 -0.25
N PRO B 94 39.43 -6.27 0.81
CA PRO B 94 39.96 -4.90 0.95
C PRO B 94 41.45 -4.79 1.25
N ARG B 95 42.10 -3.81 0.62
CA ARG B 95 43.51 -3.58 0.85
C ARG B 95 43.71 -2.72 2.08
N SER B 96 42.68 -1.94 2.44
CA SER B 96 42.75 -1.03 3.57
C SER B 96 41.43 -0.91 4.30
N GLU B 97 41.43 -0.22 5.44
CA GLU B 97 40.19 -0.04 6.20
C GLU B 97 39.19 0.81 5.39
N PRO B 98 39.68 1.85 4.69
CA PRO B 98 38.72 2.65 3.92
C PRO B 98 38.11 1.85 2.78
N GLU B 99 38.88 0.93 2.23
CA GLU B 99 38.37 0.10 1.14
C GLU B 99 37.34 -0.87 1.73
N ASP B 100 37.60 -1.31 2.95
CA ASP B 100 36.68 -2.23 3.62
C ASP B 100 35.39 -1.47 3.90
N ALA B 101 35.53 -0.21 4.32
CA ALA B 101 34.34 0.61 4.61
C ALA B 101 33.52 0.79 3.34
N LEU B 102 34.20 1.02 2.22
CA LEU B 102 33.48 1.19 0.96
C LEU B 102 32.73 -0.08 0.58
N VAL B 104 31.58 -2.33 2.64
CA VAL B 104 30.47 -2.46 3.58
C VAL B 104 29.35 -1.52 3.11
N SER B 105 29.73 -0.32 2.71
CA SER B 105 28.75 0.64 2.23
C SER B 105 28.05 0.14 0.95
N TRP B 106 28.81 -0.33 -0.02
CA TRP B 106 28.19 -0.83 -1.24
C TRP B 106 27.28 -2.01 -0.95
N SER B 107 27.65 -2.82 0.03
CA SER B 107 26.85 -3.98 0.40
C SER B 107 25.54 -3.57 1.05
N LEU B 108 25.57 -2.54 1.88
CA LEU B 108 24.34 -2.05 2.52
C LEU B 108 23.47 -1.37 1.48
N PHE B 109 24.10 -0.73 0.50
CA PHE B 109 23.39 -0.08 -0.58
C PHE B 109 22.67 -1.17 -1.36
N ALA B 110 23.39 -2.27 -1.62
CA ALA B 110 22.83 -3.39 -2.36
C ALA B 110 21.64 -4.03 -1.63
N ALA B 111 21.78 -4.17 -0.32
CA ALA B 111 20.75 -4.80 0.50
C ALA B 111 19.52 -3.94 0.77
N THR B 112 19.69 -2.63 0.83
CA THR B 112 18.58 -1.74 1.13
C THR B 112 17.96 -1.02 -0.06
N ALA B 113 18.77 -0.71 -1.07
CA ALA B 113 18.26 0.02 -2.23
C ALA B 113 18.02 -0.81 -3.47
N VAL B 114 18.73 -1.92 -3.59
CA VAL B 114 18.58 -2.74 -4.79
C VAL B 114 17.80 -4.04 -4.60
N GLU B 115 18.15 -4.79 -3.57
CA GLU B 115 17.49 -6.06 -3.37
C GLU B 115 15.97 -6.06 -3.22
N PRO B 116 15.41 -5.19 -2.36
CA PRO B 116 13.95 -5.22 -2.23
C PRO B 116 13.16 -5.10 -3.55
N PRO B 117 13.41 -4.03 -4.33
CA PRO B 117 12.68 -3.88 -5.60
C PRO B 117 13.02 -4.99 -6.61
N ALA B 118 14.30 -5.38 -6.66
CA ALA B 118 14.72 -6.41 -7.58
C ALA B 118 14.05 -7.74 -7.24
N LEU B 119 14.02 -8.07 -5.95
CA LEU B 119 13.37 -9.31 -5.53
C LEU B 119 11.90 -9.28 -5.89
N GLU B 120 11.28 -8.10 -5.78
CA GLU B 120 9.86 -7.98 -6.11
C GLU B 120 9.63 -8.31 -7.59
N ILE B 121 10.51 -7.83 -8.46
CA ILE B 121 10.40 -8.11 -9.89
C ILE B 121 10.50 -9.62 -10.13
N GLN B 122 11.43 -10.26 -9.44
CA GLN B 122 11.65 -11.69 -9.54
C GLN B 122 10.40 -12.50 -9.19
N LEU B 123 9.75 -12.12 -8.09
CA LEU B 123 8.57 -12.84 -7.65
C LEU B 123 7.37 -12.61 -8.55
N ILE B 124 7.22 -11.39 -9.06
CA ILE B 124 6.12 -11.12 -9.96
C ILE B 124 6.30 -12.02 -11.18
N GLN B 125 7.54 -12.13 -11.65
CA GLN B 125 7.85 -12.96 -12.82
C GLN B 125 7.62 -14.45 -12.57
N ARG B 126 8.20 -14.97 -11.50
CA ARG B 126 8.06 -16.39 -11.17
C ARG B 126 6.64 -16.82 -10.89
N SER B 127 5.86 -15.91 -10.31
CA SER B 127 4.47 -16.18 -9.96
C SER B 127 3.57 -16.25 -11.18
N GLY B 128 4.06 -15.74 -12.30
CA GLY B 128 3.26 -15.74 -13.51
C GLY B 128 2.43 -14.46 -13.55
N GLY B 129 2.53 -13.66 -12.48
CA GLY B 129 1.79 -12.42 -12.40
C GLY B 129 2.17 -11.44 -13.50
N GLY B 130 3.39 -11.56 -14.00
CA GLY B 130 3.86 -10.69 -15.04
C GLY B 130 3.14 -10.86 -16.36
N THR B 131 2.29 -11.88 -16.47
CA THR B 131 1.54 -12.11 -17.70
C THR B 131 0.28 -11.27 -17.76
N SER B 132 -0.01 -10.54 -16.70
CA SER B 132 -1.20 -9.69 -16.67
C SER B 132 -0.79 -8.24 -16.77
N PRO B 133 -1.72 -7.37 -17.19
CA PRO B 133 -1.34 -5.96 -17.28
C PRO B 133 -0.91 -5.44 -15.91
N GLU B 134 -1.58 -5.94 -14.86
CA GLU B 134 -1.31 -5.53 -13.49
C GLU B 134 0.10 -5.92 -13.04
N GLY B 135 0.54 -7.11 -13.44
CA GLY B 135 1.87 -7.55 -13.06
C GLY B 135 2.91 -6.71 -13.78
N GLN B 136 2.62 -6.35 -15.02
CA GLN B 136 3.53 -5.53 -15.82
C GLN B 136 3.64 -4.13 -15.24
N ALA B 137 2.51 -3.58 -14.80
CA ALA B 137 2.51 -2.25 -14.19
C ALA B 137 3.32 -2.31 -12.90
N ALA B 138 3.15 -3.40 -12.15
CA ALA B 138 3.85 -3.59 -10.87
C ALA B 138 5.35 -3.69 -11.10
N ILE B 139 5.74 -4.30 -12.20
CA ILE B 139 7.17 -4.41 -12.49
C ILE B 139 7.71 -3.02 -12.79
N ALA B 140 6.94 -2.22 -13.51
CA ALA B 140 7.36 -0.86 -13.86
C ALA B 140 7.51 -0.01 -12.60
N ILE B 141 6.66 -0.24 -11.61
CA ILE B 141 6.73 0.52 -10.38
C ILE B 141 7.97 0.13 -9.61
N ALA B 142 8.30 -1.16 -9.63
CA ALA B 142 9.49 -1.65 -8.95
C ALA B 142 10.72 -1.12 -9.67
N ALA B 143 10.66 -1.07 -10.99
CA ALA B 143 11.78 -0.55 -11.78
C ALA B 143 12.01 0.93 -11.49
N GLU B 144 10.93 1.66 -11.22
CA GLU B 144 11.06 3.08 -10.93
C GLU B 144 11.75 3.24 -9.57
N ARG B 145 11.55 2.29 -8.66
CA ARG B 145 12.20 2.35 -7.36
C ARG B 145 13.70 2.14 -7.54
N LEU B 146 14.07 1.44 -8.61
CA LEU B 146 15.47 1.18 -8.89
C LEU B 146 16.13 2.27 -9.75
N ARG B 147 15.34 3.21 -10.25
CA ARG B 147 15.89 4.25 -11.11
C ARG B 147 17.04 5.05 -10.48
N ARG B 148 16.82 5.63 -9.31
CA ARG B 148 17.90 6.41 -8.69
C ARG B 148 19.15 5.58 -8.41
N PRO B 149 18.99 4.36 -7.85
CA PRO B 149 20.16 3.52 -7.57
C PRO B 149 20.89 3.15 -8.87
N LEU B 150 20.13 2.75 -9.88
CA LEU B 150 20.72 2.39 -11.17
C LEU B 150 21.40 3.56 -11.87
N ALA B 151 20.79 4.75 -11.79
CA ALA B 151 21.39 5.93 -12.41
C ALA B 151 22.70 6.28 -11.70
N ARG B 152 22.72 6.11 -10.39
CA ARG B 152 23.93 6.41 -9.62
C ARG B 152 25.02 5.42 -10.02
N LEU B 153 24.61 4.17 -10.29
CA LEU B 153 25.59 3.16 -10.69
C LEU B 153 26.07 3.46 -12.10
N GLU B 154 25.18 3.90 -12.98
CA GLU B 154 25.55 4.23 -14.35
C GLU B 154 26.64 5.31 -14.34
N ARG B 155 26.48 6.31 -13.48
CA ARG B 155 27.44 7.39 -13.35
C ARG B 155 28.78 6.83 -12.88
N HIS B 156 28.74 5.91 -11.92
CA HIS B 156 29.97 5.34 -11.40
C HIS B 156 30.71 4.53 -12.45
N PHE B 157 29.98 3.70 -13.19
CA PHE B 157 30.59 2.87 -14.21
C PHE B 157 30.94 3.60 -15.48
N ALA B 158 30.71 4.91 -15.48
CA ALA B 158 31.03 5.72 -16.65
C ALA B 158 32.55 5.80 -16.71
N ALA B 159 33.18 5.86 -15.55
CA ALA B 159 34.63 5.99 -15.46
C ALA B 159 35.32 4.80 -14.79
N GLU B 160 34.55 3.87 -14.23
CA GLU B 160 35.12 2.70 -13.57
C GLU B 160 34.50 1.40 -14.07
N ASP B 161 35.28 0.32 -14.09
CA ASP B 161 34.75 -0.96 -14.54
C ASP B 161 34.24 -1.77 -13.37
N TYR B 162 34.64 -1.37 -12.17
CA TYR B 162 34.24 -2.04 -10.93
C TYR B 162 33.94 -1.02 -9.84
N LEU B 163 33.27 -1.49 -8.79
CA LEU B 163 32.90 -0.61 -7.69
C LEU B 163 34.06 0.00 -6.92
N VAL B 164 35.00 -0.86 -6.52
CA VAL B 164 36.12 -0.43 -5.72
C VAL B 164 37.49 -0.84 -6.26
N GLY B 165 38.46 0.06 -6.11
CA GLY B 165 39.83 -0.21 -6.53
C GLY B 165 40.13 -0.61 -7.95
N GLY B 166 39.24 -0.30 -8.88
CA GLY B 166 39.47 -0.65 -10.26
C GLY B 166 39.67 -2.15 -10.50
N ARG B 167 39.13 -2.97 -9.62
CA ARG B 167 39.26 -4.42 -9.77
C ARG B 167 38.02 -5.12 -9.21
N PHE B 168 37.74 -6.32 -9.69
CA PHE B 168 36.59 -7.07 -9.21
C PHE B 168 36.87 -7.42 -7.75
N THR B 169 35.91 -7.14 -6.86
CA THR B 169 36.07 -7.46 -5.45
C THR B 169 34.74 -8.00 -4.94
N VAL B 170 34.70 -8.37 -3.67
CA VAL B 170 33.48 -8.88 -3.09
C VAL B 170 32.36 -7.83 -3.18
N ALA B 171 32.72 -6.55 -3.29
CA ALA B 171 31.69 -5.50 -3.41
C ALA B 171 30.89 -5.69 -4.71
N ASP B 172 31.58 -6.03 -5.80
CA ASP B 172 30.89 -6.24 -7.07
C ASP B 172 30.06 -7.51 -7.01
N LEU B 173 30.62 -8.54 -6.39
CA LEU B 173 29.94 -9.81 -6.27
C LEU B 173 28.65 -9.62 -5.51
N ASN B 174 28.75 -8.91 -4.38
CA ASN B 174 27.58 -8.65 -3.54
C ASN B 174 26.49 -7.86 -4.25
N LEU B 175 26.87 -6.78 -4.95
CA LEU B 175 25.86 -5.99 -5.64
C LEU B 175 25.30 -6.75 -6.85
N ALA B 176 26.16 -7.45 -7.57
CA ALA B 176 25.71 -8.20 -8.75
C ALA B 176 24.67 -9.25 -8.38
N GLU B 177 24.85 -9.92 -7.24
CA GLU B 177 23.89 -10.93 -6.83
C GLU B 177 22.53 -10.34 -6.47
N THR B 178 22.52 -9.16 -5.83
CA THR B 178 21.22 -8.57 -5.48
C THR B 178 20.51 -8.14 -6.77
N LEU B 179 21.27 -7.70 -7.76
CA LEU B 179 20.69 -7.27 -9.02
C LEU B 179 20.20 -8.45 -9.86
N ARG B 180 20.82 -9.62 -9.70
CA ARG B 180 20.41 -10.79 -10.47
C ARG B 180 18.90 -11.04 -10.35
N TYR B 181 18.30 -10.69 -9.21
CA TYR B 181 16.87 -10.89 -9.04
C TYR B 181 16.04 -10.20 -10.11
N GLY B 182 16.42 -8.99 -10.48
CA GLY B 182 15.65 -8.26 -11.48
C GLY B 182 16.14 -8.42 -12.90
N GLN B 183 17.16 -9.26 -13.08
CA GLN B 183 17.78 -9.46 -14.38
C GLN B 183 16.87 -9.99 -15.49
N ALA B 184 15.88 -10.79 -15.12
CA ALA B 184 14.96 -11.36 -16.09
C ALA B 184 14.10 -10.33 -16.81
N HIS B 185 13.96 -9.14 -16.23
CA HIS B 185 13.16 -8.10 -16.88
C HIS B 185 14.06 -7.35 -17.86
N PRO B 186 13.86 -7.59 -19.17
CA PRO B 186 14.63 -6.98 -20.26
C PRO B 186 14.80 -5.46 -20.20
N ALA B 187 13.70 -4.76 -19.95
CA ALA B 187 13.75 -3.30 -19.92
C ALA B 187 14.50 -2.70 -18.73
N LEU B 188 14.72 -3.49 -17.68
CA LEU B 188 15.37 -2.96 -16.49
C LEU B 188 16.69 -2.23 -16.71
N LEU B 189 17.63 -2.86 -17.41
CA LEU B 189 18.92 -2.22 -17.63
C LEU B 189 19.08 -1.53 -18.98
N GLU B 190 18.00 -1.49 -19.76
CA GLU B 190 18.02 -0.86 -21.08
C GLU B 190 18.48 0.60 -21.01
N PRO B 191 18.02 1.35 -19.99
CA PRO B 191 18.43 2.75 -19.86
C PRO B 191 19.83 2.92 -19.27
N PHE B 192 20.41 1.81 -18.83
CA PHE B 192 21.71 1.87 -18.17
C PHE B 192 22.76 0.93 -18.76
N PRO B 193 23.31 1.27 -19.94
CA PRO B 193 24.34 0.49 -20.65
C PRO B 193 25.58 0.15 -19.84
N ALA B 194 26.11 1.14 -19.13
CA ALA B 194 27.32 0.93 -18.33
C ALA B 194 27.06 -0.10 -17.23
N VAL B 195 25.88 -0.05 -16.64
CA VAL B 195 25.53 -1.02 -15.59
C VAL B 195 25.41 -2.42 -16.22
N ALA B 196 24.74 -2.51 -17.36
CA ALA B 196 24.59 -3.81 -18.02
C ALA B 196 25.96 -4.40 -18.34
N ALA B 197 26.87 -3.57 -18.81
CA ALA B 197 28.22 -4.02 -19.15
C ALA B 197 28.95 -4.52 -17.91
N TRP B 198 28.75 -3.85 -16.79
CA TRP B 198 29.39 -4.26 -15.55
C TRP B 198 28.84 -5.60 -15.07
N LEU B 199 27.53 -5.76 -15.13
CA LEU B 199 26.93 -7.01 -14.67
C LEU B 199 27.41 -8.14 -15.57
N ASP B 200 27.55 -7.84 -16.86
CA ASP B 200 28.01 -8.84 -17.82
C ASP B 200 29.47 -9.21 -17.53
N ARG B 201 30.24 -8.21 -17.12
CA ARG B 201 31.65 -8.36 -16.79
C ARG B 201 31.81 -9.27 -15.57
N CYS B 202 30.93 -9.11 -14.59
CA CYS B 202 30.97 -9.94 -13.39
C CYS B 202 30.52 -11.36 -13.65
N GLN B 203 29.46 -11.52 -14.43
CA GLN B 203 28.91 -12.85 -14.71
C GLN B 203 29.68 -13.65 -15.76
N SER B 204 30.62 -13.01 -16.45
CA SER B 204 31.41 -13.72 -17.45
C SER B 204 32.56 -14.45 -16.76
N ARG B 205 32.78 -14.16 -15.49
CA ARG B 205 33.85 -14.80 -14.74
C ARG B 205 33.63 -16.30 -14.64
N PRO B 206 34.71 -17.09 -14.71
CA PRO B 206 34.60 -18.55 -14.62
C PRO B 206 33.91 -19.07 -13.36
N ALA B 207 34.20 -18.44 -12.22
CA ALA B 207 33.60 -18.86 -10.96
C ALA B 207 32.08 -18.67 -10.93
N PHE B 208 31.60 -17.61 -11.59
CA PHE B 208 30.16 -17.37 -11.63
C PHE B 208 29.51 -18.47 -12.47
N ARG B 209 30.07 -18.72 -13.65
CA ARG B 209 29.54 -19.75 -14.54
C ARG B 209 29.49 -21.09 -13.81
N LEU B 210 30.56 -21.42 -13.10
CA LEU B 210 30.62 -22.67 -12.36
C LEU B 210 29.54 -22.71 -11.27
N GLU B 213 26.24 -23.32 -12.87
CA GLU B 213 26.07 -24.66 -13.42
C GLU B 213 25.78 -25.63 -12.27
N ARG B 214 26.41 -25.38 -11.12
CA ARG B 214 26.19 -26.23 -9.95
C ARG B 214 24.79 -25.98 -9.42
N ARG B 215 24.35 -24.73 -9.52
CA ARG B 215 23.01 -24.33 -9.08
C ARG B 215 21.97 -25.01 -9.98
N ALA B 216 22.27 -25.07 -11.27
CA ALA B 216 21.37 -25.70 -12.23
C ALA B 216 21.27 -27.21 -12.00
N ALA B 217 22.39 -27.84 -11.66
CA ALA B 217 22.43 -29.28 -11.43
C ALA B 217 21.81 -29.70 -10.10
N GLU B 218 21.58 -28.73 -9.23
CA GLU B 218 21.00 -28.99 -7.93
C GLU B 218 19.55 -29.43 -8.11
N GLY B 219 19.09 -30.37 -7.28
CA GLY B 219 17.73 -30.84 -7.39
C GLY B 219 16.73 -29.75 -7.02
N HIS B 220 15.56 -29.78 -7.64
CA HIS B 220 14.53 -28.79 -7.34
C HIS B 220 13.57 -29.36 -6.28
N HIS B 221 13.09 -28.48 -5.40
CA HIS B 221 12.15 -28.84 -4.34
C HIS B 221 11.04 -27.80 -4.25
N HIS B 222 9.80 -28.26 -4.17
CA HIS B 222 8.64 -27.36 -4.10
C HIS B 222 7.86 -27.46 -2.79
N SER C 2 -42.82 8.50 13.19
CA SER C 2 -42.54 8.17 11.77
C SER C 2 -41.02 8.16 11.51
N LEU C 3 -40.49 9.26 11.00
CA LEU C 3 -39.06 9.38 10.68
C LEU C 3 -38.10 9.64 11.84
N LYS C 4 -37.07 8.80 11.93
CA LYS C 4 -36.03 8.94 12.95
C LYS C 4 -34.68 8.90 12.24
N ILE C 5 -33.83 9.89 12.52
CA ILE C 5 -32.50 9.99 11.93
C ILE C 5 -31.43 9.86 13.00
N TYR C 6 -30.58 8.84 12.88
CA TYR C 6 -29.51 8.59 13.84
C TYR C 6 -28.18 9.16 13.36
N GLY C 7 -27.51 9.90 14.24
CA GLY C 7 -26.21 10.45 13.89
C GLY C 7 -26.07 11.94 14.15
N VAL C 8 -24.92 12.33 14.70
CA VAL C 8 -24.65 13.74 14.99
C VAL C 8 -24.41 14.53 13.72
N TYR C 9 -24.47 15.86 13.82
CA TYR C 9 -24.26 16.73 12.68
C TYR C 9 -22.82 16.59 12.17
N ARG C 10 -21.90 16.33 13.10
CA ARG C 10 -20.50 16.19 12.75
C ARG C 10 -20.22 14.77 12.25
N SER C 11 -20.91 14.39 11.18
CA SER C 11 -20.78 13.07 10.55
C SER C 11 -21.55 13.11 9.24
N ARG C 12 -21.60 11.98 8.54
CA ARG C 12 -22.32 11.91 7.28
C ARG C 12 -23.81 12.11 7.49
N ALA C 13 -24.23 12.13 8.75
CA ALA C 13 -25.64 12.36 9.03
C ALA C 13 -25.98 13.79 8.59
N SER C 14 -24.95 14.59 8.35
CA SER C 14 -25.13 15.97 7.91
C SER C 14 -25.92 16.05 6.59
N ARG C 15 -25.80 15.01 5.77
CA ARG C 15 -26.50 14.99 4.49
C ARG C 15 -28.02 14.93 4.67
N PRO C 16 -28.53 13.91 5.38
CA PRO C 16 -29.99 13.90 5.53
C PRO C 16 -30.49 15.06 6.40
N LEU C 17 -29.64 15.53 7.31
CA LEU C 17 -30.04 16.64 8.17
C LEU C 17 -30.20 17.92 7.34
N TRP C 18 -29.32 18.12 6.38
CA TRP C 18 -29.39 19.28 5.49
C TRP C 18 -30.70 19.19 4.70
N LEU C 19 -30.94 18.03 4.08
CA LEU C 19 -32.14 17.82 3.29
C LEU C 19 -33.40 18.07 4.13
N LEU C 20 -33.41 17.54 5.34
CA LEU C 20 -34.57 17.73 6.20
C LEU C 20 -34.79 19.20 6.52
N ALA C 21 -33.72 19.99 6.50
CA ALA C 21 -33.83 21.41 6.76
C ALA C 21 -34.47 22.08 5.55
N GLU C 22 -34.06 21.63 4.37
CA GLU C 22 -34.57 22.15 3.10
C GLU C 22 -36.06 21.86 2.97
N LEU C 23 -36.46 20.66 3.37
CA LEU C 23 -37.87 20.25 3.28
C LEU C 23 -38.70 20.68 4.46
N ASP C 24 -38.05 20.95 5.59
CA ASP C 24 -38.74 21.38 6.80
C ASP C 24 -39.65 20.26 7.31
N LEU C 25 -39.25 19.02 7.09
CA LEU C 25 -40.04 17.88 7.52
C LEU C 25 -39.85 17.53 8.99
N PRO C 26 -40.96 17.19 9.68
CA PRO C 26 -40.87 16.83 11.09
C PRO C 26 -40.22 15.45 11.20
N PHE C 27 -39.32 15.31 12.16
CA PHE C 27 -38.62 14.05 12.35
C PHE C 27 -37.99 14.04 13.73
N GLU C 28 -37.52 12.86 14.14
CA GLU C 28 -36.88 12.73 15.43
C GLU C 28 -35.39 12.53 15.22
N HIS C 29 -34.60 13.44 15.75
CA HIS C 29 -33.16 13.36 15.62
C HIS C 29 -32.55 12.65 16.82
N VAL C 30 -32.05 11.44 16.59
CA VAL C 30 -31.43 10.69 17.67
C VAL C 30 -29.93 10.84 17.58
N PRO C 31 -29.35 11.61 18.50
CA PRO C 31 -27.90 11.85 18.55
C PRO C 31 -27.10 10.58 18.81
N VAL C 32 -26.33 10.16 17.81
CA VAL C 32 -25.49 8.98 17.93
C VAL C 32 -24.12 9.46 17.47
N ILE C 33 -23.14 9.41 18.36
CA ILE C 33 -21.80 9.87 18.05
C ILE C 33 -20.88 8.69 17.73
N GLN C 34 -19.81 8.96 16.97
CA GLN C 34 -18.85 7.93 16.62
C GLN C 34 -18.15 7.42 17.87
N ALA C 35 -18.03 6.11 17.99
CA ALA C 35 -17.40 5.48 19.15
C ALA C 35 -16.00 6.00 19.45
N ASN C 36 -15.17 6.13 18.41
CA ASN C 36 -13.80 6.60 18.61
C ASN C 36 -13.71 7.99 19.24
N ARG C 37 -14.83 8.70 19.29
CA ARG C 37 -14.86 10.03 19.89
C ARG C 37 -15.31 9.96 21.35
N VAL C 38 -15.63 8.76 21.80
CA VAL C 38 -16.08 8.52 23.17
C VAL C 38 -14.97 7.83 23.98
N ALA C 39 -14.93 8.08 25.29
CA ALA C 39 -13.91 7.49 26.16
C ALA C 39 -14.12 5.99 26.37
N HIS C 40 -15.17 5.64 27.12
CA HIS C 40 -15.50 4.25 27.39
C HIS C 40 -16.84 4.01 26.71
N PRO C 41 -16.83 3.86 25.37
CA PRO C 41 -18.04 3.63 24.59
C PRO C 41 -19.08 2.68 25.19
N HIS C 42 -18.71 1.96 26.25
CA HIS C 42 -19.63 1.02 26.89
C HIS C 42 -19.92 1.37 28.34
N GLY C 43 -19.48 2.55 28.77
CA GLY C 43 -19.72 2.98 30.14
C GLY C 43 -21.19 3.26 30.42
N PRO C 44 -21.59 3.26 31.70
CA PRO C 44 -22.99 3.54 32.07
C PRO C 44 -23.35 4.98 31.74
N GLU C 45 -22.35 5.84 31.68
CA GLU C 45 -22.56 7.24 31.37
C GLU C 45 -22.02 7.62 30.00
N ALA C 46 -21.59 6.62 29.23
CA ALA C 46 -21.10 6.88 27.88
C ALA C 46 -22.33 7.17 27.03
N PRO C 47 -22.24 8.16 26.13
CA PRO C 47 -23.38 8.48 25.29
C PRO C 47 -23.62 7.42 24.22
N LEU C 48 -24.84 7.37 23.71
CA LEU C 48 -25.19 6.41 22.66
C LEU C 48 -24.21 6.64 21.52
N ASN C 49 -23.49 5.59 21.16
CA ASN C 49 -22.51 5.67 20.08
C ASN C 49 -22.61 4.49 19.12
N THR C 50 -21.82 4.54 18.07
CA THR C 50 -21.81 3.51 17.05
C THR C 50 -21.40 2.12 17.55
N ALA C 51 -20.93 2.05 18.80
CA ALA C 51 -20.51 0.78 19.37
C ALA C 51 -21.52 0.28 20.42
N SER C 52 -22.50 1.12 20.73
CA SER C 52 -23.51 0.78 21.72
C SER C 52 -24.39 -0.39 21.27
N ALA C 53 -24.65 -1.34 22.17
CA ALA C 53 -25.48 -2.47 21.82
C ALA C 53 -26.84 -1.98 21.36
N ALA C 54 -27.32 -0.91 21.98
CA ALA C 54 -28.62 -0.35 21.62
C ALA C 54 -28.63 0.16 20.19
N TYR C 55 -27.48 0.66 19.73
CA TYR C 55 -27.42 1.16 18.36
C TYR C 55 -27.19 0.06 17.35
N LEU C 56 -26.40 -0.93 17.73
CA LEU C 56 -26.13 -2.04 16.82
C LEU C 56 -27.44 -2.78 16.53
N ALA C 57 -28.44 -2.55 17.39
CA ALA C 57 -29.75 -3.18 17.21
C ALA C 57 -30.48 -2.50 16.04
N VAL C 58 -30.10 -1.26 15.76
CA VAL C 58 -30.70 -0.49 14.67
C VAL C 58 -29.87 -0.69 13.40
N ASN C 59 -28.56 -0.44 13.48
CA ASN C 59 -27.67 -0.62 12.34
C ASN C 59 -26.54 -1.58 12.76
N PRO C 60 -26.66 -2.86 12.37
CA PRO C 60 -25.66 -3.86 12.71
C PRO C 60 -24.25 -3.50 12.25
N LEU C 61 -24.15 -2.70 11.20
CA LEU C 61 -22.85 -2.31 10.67
C LEU C 61 -22.14 -1.33 11.60
N GLY C 62 -22.89 -0.75 12.53
CA GLY C 62 -22.30 0.17 13.48
C GLY C 62 -21.79 1.48 12.90
N GLN C 63 -22.57 2.05 11.99
CA GLN C 63 -22.20 3.31 11.37
C GLN C 63 -23.39 4.27 11.35
N ILE C 64 -23.08 5.56 11.23
CA ILE C 64 -24.10 6.59 11.14
C ILE C 64 -23.86 7.31 9.82
N PRO C 65 -24.91 7.87 9.21
CA PRO C 65 -26.30 7.90 9.67
C PRO C 65 -27.08 6.63 9.38
N CYS C 66 -28.30 6.60 9.91
CA CYS C 66 -29.21 5.50 9.71
C CYS C 66 -30.60 6.09 9.78
N LEU C 67 -31.49 5.63 8.90
CA LEU C 67 -32.86 6.10 8.89
C LEU C 67 -33.78 4.98 9.37
N GLU C 68 -34.76 5.33 10.19
CA GLU C 68 -35.70 4.34 10.67
C GLU C 68 -37.15 4.83 10.62
N GLU C 69 -37.94 4.17 9.77
CA GLU C 69 -39.36 4.44 9.60
C GLU C 69 -40.04 3.13 9.97
N GLU C 70 -41.36 3.11 10.03
CA GLU C 70 -42.05 1.87 10.36
C GLU C 70 -41.91 0.93 9.17
N GLY C 71 -41.31 -0.23 9.42
CA GLY C 71 -41.13 -1.20 8.34
C GLY C 71 -39.92 -0.96 7.44
N LEU C 72 -39.03 -0.06 7.84
CA LEU C 72 -37.84 0.21 7.03
C LEU C 72 -36.69 0.83 7.80
N ILE C 73 -35.54 0.17 7.75
CA ILE C 73 -34.31 0.65 8.37
C ILE C 73 -33.42 0.84 7.17
N LEU C 74 -33.00 2.07 6.93
CA LEU C 74 -32.18 2.38 5.77
C LEU C 74 -30.84 3.00 6.15
N THR C 75 -29.75 2.38 5.69
CA THR C 75 -28.41 2.89 5.93
C THR C 75 -27.92 3.51 4.62
N GLU C 76 -26.71 4.07 4.65
CA GLU C 76 -26.07 4.74 3.52
C GLU C 76 -26.63 6.14 3.35
N SER C 77 -25.85 7.12 3.81
CA SER C 77 -26.26 8.53 3.76
C SER C 77 -26.83 9.02 2.45
N LEU C 78 -26.25 8.65 1.31
CA LEU C 78 -26.75 9.13 0.03
C LEU C 78 -28.03 8.42 -0.42
N ALA C 79 -28.30 7.25 0.13
CA ALA C 79 -29.52 6.52 -0.21
C ALA C 79 -30.65 7.13 0.63
N ILE C 80 -30.32 7.46 1.88
CA ILE C 80 -31.29 8.05 2.81
C ILE C 80 -31.85 9.37 2.27
N THR C 81 -30.97 10.23 1.78
CA THR C 81 -31.39 11.50 1.21
C THR C 81 -32.27 11.29 -0.02
N LEU C 82 -31.86 10.38 -0.89
CA LEU C 82 -32.65 10.13 -2.09
C LEU C 82 -34.04 9.60 -1.75
N HIS C 83 -34.11 8.72 -0.75
CA HIS C 83 -35.39 8.17 -0.32
C HIS C 83 -36.30 9.26 0.25
N ILE C 84 -35.75 10.08 1.13
CA ILE C 84 -36.52 11.15 1.75
C ILE C 84 -37.06 12.14 0.73
N ALA C 85 -36.20 12.56 -0.20
CA ALA C 85 -36.59 13.53 -1.22
C ALA C 85 -37.60 13.00 -2.23
N ARG C 86 -37.41 11.74 -2.63
CA ARG C 86 -38.29 11.10 -3.61
C ARG C 86 -39.70 10.86 -3.05
N THR C 87 -39.79 10.45 -1.79
CA THR C 87 -41.08 10.20 -1.18
C THR C 87 -41.83 11.49 -0.90
N GLN C 88 -41.11 12.55 -0.54
CA GLN C 88 -41.72 13.83 -0.26
C GLN C 88 -42.33 14.35 -1.58
N GLY C 89 -41.69 13.99 -2.69
CA GLY C 89 -42.17 14.35 -4.01
C GLY C 89 -42.02 15.76 -4.53
N GLY C 90 -41.26 16.60 -3.83
CA GLY C 90 -41.07 17.97 -4.27
C GLY C 90 -40.01 18.13 -5.34
N GLN C 91 -39.69 19.38 -5.66
CA GLN C 91 -38.71 19.68 -6.69
C GLN C 91 -37.27 19.26 -6.37
N LEU C 92 -36.99 18.94 -5.10
CA LEU C 92 -35.65 18.50 -4.74
C LEU C 92 -35.48 17.00 -5.05
N GLY C 93 -36.59 16.35 -5.37
CA GLY C 93 -36.54 14.93 -5.72
C GLY C 93 -36.71 14.75 -7.21
N PRO C 94 -36.65 13.50 -7.71
CA PRO C 94 -36.79 13.22 -9.14
C PRO C 94 -38.21 13.41 -9.63
N ARG C 95 -38.37 13.89 -10.85
CA ARG C 95 -39.70 14.11 -11.42
C ARG C 95 -40.15 12.91 -12.21
N SER C 96 -39.23 11.96 -12.41
CA SER C 96 -39.50 10.75 -13.20
C SER C 96 -38.45 9.70 -12.87
N GLU C 97 -38.69 8.47 -13.31
CA GLU C 97 -37.74 7.38 -13.08
C GLU C 97 -36.39 7.73 -13.71
N PRO C 98 -36.39 8.32 -14.92
CA PRO C 98 -35.12 8.68 -15.54
C PRO C 98 -34.31 9.68 -14.72
N GLU C 99 -34.96 10.67 -14.12
CA GLU C 99 -34.25 11.64 -13.28
C GLU C 99 -33.77 10.92 -12.02
N ASP C 100 -34.54 9.94 -11.56
CA ASP C 100 -34.16 9.19 -10.37
C ASP C 100 -32.87 8.44 -10.68
N ALA C 101 -32.86 7.77 -11.83
CA ALA C 101 -31.68 7.02 -12.26
C ALA C 101 -30.47 7.95 -12.31
N LEU C 102 -30.66 9.15 -12.85
CA LEU C 102 -29.57 10.10 -12.92
C LEU C 102 -29.04 10.46 -11.55
N VAL C 104 -29.23 8.70 -8.84
CA VAL C 104 -28.57 7.54 -8.23
C VAL C 104 -27.17 7.45 -8.81
N SER C 105 -27.06 7.66 -10.11
CA SER C 105 -25.77 7.60 -10.79
C SER C 105 -24.83 8.67 -10.23
N TRP C 106 -25.31 9.91 -10.14
CA TRP C 106 -24.48 10.97 -9.60
C TRP C 106 -24.06 10.65 -8.17
N SER C 107 -24.94 10.00 -7.41
CA SER C 107 -24.63 9.66 -6.03
C SER C 107 -23.53 8.61 -5.93
N LEU C 108 -23.55 7.64 -6.84
CA LEU C 108 -22.52 6.61 -6.84
C LEU C 108 -21.22 7.26 -7.30
N PHE C 109 -21.34 8.20 -8.24
CA PHE C 109 -20.18 8.94 -8.73
C PHE C 109 -19.58 9.67 -7.52
N ALA C 110 -20.44 10.38 -6.78
CA ALA C 110 -19.95 11.11 -5.62
C ALA C 110 -19.31 10.18 -4.58
N ALA C 111 -19.96 9.05 -4.33
CA ALA C 111 -19.46 8.09 -3.35
C ALA C 111 -18.17 7.36 -3.73
N THR C 112 -17.96 7.12 -5.02
CA THR C 112 -16.77 6.39 -5.45
C THR C 112 -15.63 7.20 -6.06
N ALA C 113 -15.94 8.26 -6.78
CA ALA C 113 -14.90 9.07 -7.42
C ALA C 113 -14.48 10.31 -6.64
N VAL C 114 -15.40 10.87 -5.87
CA VAL C 114 -15.11 12.08 -5.12
C VAL C 114 -14.84 11.94 -3.62
N GLU C 115 -15.69 11.19 -2.92
CA GLU C 115 -15.52 11.09 -1.46
C GLU C 115 -14.18 10.53 -0.96
N PRO C 116 -13.72 9.40 -1.51
CA PRO C 116 -12.45 8.85 -1.04
C PRO C 116 -11.26 9.84 -1.01
N PRO C 117 -10.95 10.46 -2.16
CA PRO C 117 -9.83 11.41 -2.22
C PRO C 117 -10.08 12.66 -1.35
N ALA C 118 -11.32 13.15 -1.35
CA ALA C 118 -11.66 14.33 -0.57
C ALA C 118 -11.53 14.02 0.92
N LEU C 119 -11.99 12.84 1.33
CA LEU C 119 -11.90 12.45 2.73
C LEU C 119 -10.41 12.41 3.09
N GLU C 120 -9.60 11.91 2.18
CA GLU C 120 -8.17 11.82 2.40
C GLU C 120 -7.59 13.20 2.67
N ILE C 121 -8.02 14.19 1.90
CA ILE C 121 -7.53 15.55 2.11
C ILE C 121 -7.88 16.05 3.51
N GLN C 122 -9.12 15.79 3.95
CA GLN C 122 -9.51 16.26 5.27
C GLN C 122 -8.66 15.61 6.36
N LEU C 123 -8.44 14.30 6.25
CA LEU C 123 -7.63 13.58 7.23
C LEU C 123 -6.22 14.15 7.29
N ILE C 124 -5.66 14.49 6.13
CA ILE C 124 -4.31 15.06 6.09
C ILE C 124 -4.33 16.38 6.87
N GLN C 125 -5.30 17.23 6.58
CA GLN C 125 -5.41 18.51 7.26
C GLN C 125 -5.62 18.30 8.77
N ARG C 126 -6.47 17.35 9.12
CA ARG C 126 -6.75 17.05 10.53
C ARG C 126 -5.51 16.67 11.33
N SER C 127 -4.64 15.87 10.73
CA SER C 127 -3.42 15.47 11.41
C SER C 127 -2.58 16.72 11.62
N GLY C 128 -1.48 16.56 12.36
CA GLY C 128 -0.60 17.70 12.64
C GLY C 128 -0.75 18.84 11.65
N GLY C 129 -0.79 18.51 10.36
CA GLY C 129 -0.95 19.57 9.39
C GLY C 129 -0.74 19.13 7.96
N GLY C 130 -1.28 19.92 7.05
CA GLY C 130 -1.16 19.66 5.64
C GLY C 130 -0.34 20.82 5.12
N THR C 131 -0.30 21.89 5.93
CA THR C 131 0.45 23.10 5.61
C THR C 131 1.93 22.81 5.38
N SER C 132 2.43 21.79 6.06
CA SER C 132 3.84 21.40 5.92
C SER C 132 4.08 20.94 4.49
N PRO C 133 5.32 21.08 4.01
CA PRO C 133 5.64 20.65 2.64
C PRO C 133 5.22 19.21 2.35
N GLU C 134 5.38 18.33 3.34
CA GLU C 134 5.02 16.93 3.17
C GLU C 134 3.50 16.76 3.14
N GLY C 135 2.82 17.53 3.98
CA GLY C 135 1.37 17.45 4.00
C GLY C 135 0.79 17.95 2.70
N GLN C 136 1.36 19.05 2.19
CA GLN C 136 0.90 19.62 0.94
C GLN C 136 1.11 18.63 -0.20
N ALA C 137 2.21 17.88 -0.14
CA ALA C 137 2.50 16.89 -1.18
C ALA C 137 1.47 15.77 -1.15
N ALA C 138 1.09 15.36 0.06
CA ALA C 138 0.11 14.30 0.22
C ALA C 138 -1.23 14.79 -0.30
N ILE C 139 -1.55 16.05 -0.03
CA ILE C 139 -2.80 16.65 -0.48
C ILE C 139 -2.81 16.75 -2.00
N ALA C 140 -1.66 17.07 -2.59
CA ALA C 140 -1.54 17.17 -4.04
C ALA C 140 -1.80 15.81 -4.68
N ILE C 141 -1.41 14.74 -3.99
CA ILE C 141 -1.63 13.40 -4.52
C ILE C 141 -3.13 13.13 -4.57
N ALA C 142 -3.83 13.55 -3.52
CA ALA C 142 -5.28 13.35 -3.47
C ALA C 142 -5.97 14.23 -4.50
N ALA C 143 -5.52 15.47 -4.60
CA ALA C 143 -6.10 16.41 -5.56
C ALA C 143 -5.98 15.85 -6.97
N GLU C 144 -4.92 15.09 -7.21
CA GLU C 144 -4.70 14.47 -8.52
C GLU C 144 -5.73 13.37 -8.78
N ARG C 145 -6.15 12.67 -7.72
CA ARG C 145 -7.16 11.62 -7.86
C ARG C 145 -8.49 12.29 -8.19
N LEU C 146 -8.63 13.56 -7.79
CA LEU C 146 -9.84 14.31 -8.03
C LEU C 146 -9.85 15.08 -9.36
N ARG C 147 -8.71 15.13 -10.05
CA ARG C 147 -8.65 15.87 -11.31
C ARG C 147 -9.65 15.40 -12.38
N ARG C 148 -9.68 14.11 -12.69
CA ARG C 148 -10.62 13.63 -13.71
C ARG C 148 -12.07 13.92 -13.31
N PRO C 149 -12.45 13.56 -12.07
CA PRO C 149 -13.82 13.83 -11.62
C PRO C 149 -14.17 15.31 -11.68
N LEU C 150 -13.29 16.14 -11.12
CA LEU C 150 -13.53 17.59 -11.11
C LEU C 150 -13.56 18.20 -12.51
N ALA C 151 -12.70 17.70 -13.40
CA ALA C 151 -12.64 18.21 -14.77
C ALA C 151 -13.95 17.89 -15.49
N ARG C 152 -14.51 16.73 -15.18
CA ARG C 152 -15.76 16.29 -15.79
C ARG C 152 -16.90 17.12 -15.26
N LEU C 153 -16.81 17.51 -13.99
CA LEU C 153 -17.84 18.33 -13.38
C LEU C 153 -17.75 19.73 -13.97
N GLU C 154 -16.51 20.17 -14.22
CA GLU C 154 -16.26 21.48 -14.81
C GLU C 154 -16.96 21.57 -16.17
N ARG C 155 -16.80 20.53 -16.99
CA ARG C 155 -17.44 20.48 -18.30
C ARG C 155 -18.96 20.51 -18.15
N HIS C 156 -19.48 19.77 -17.18
CA HIS C 156 -20.92 19.72 -16.97
C HIS C 156 -21.50 21.05 -16.52
N PHE C 157 -20.85 21.70 -15.56
CA PHE C 157 -21.34 22.97 -15.03
C PHE C 157 -21.09 24.16 -15.94
N ALA C 158 -20.27 23.98 -16.96
CA ALA C 158 -20.01 25.06 -17.89
C ALA C 158 -21.23 25.21 -18.80
N ALA C 159 -22.16 24.27 -18.69
CA ALA C 159 -23.36 24.28 -19.51
C ALA C 159 -24.65 24.27 -18.68
N GLU C 160 -24.56 23.81 -17.44
CA GLU C 160 -25.71 23.74 -16.55
C GLU C 160 -25.33 24.26 -15.18
N ASP C 161 -26.30 24.82 -14.47
CA ASP C 161 -26.06 25.36 -13.13
C ASP C 161 -26.16 24.28 -12.05
N TYR C 162 -26.81 23.16 -12.37
CA TYR C 162 -26.98 22.06 -11.43
C TYR C 162 -26.82 20.73 -12.14
N LEU C 163 -26.68 19.65 -11.39
CA LEU C 163 -26.48 18.33 -11.99
C LEU C 163 -27.64 17.80 -12.83
N VAL C 164 -28.85 17.93 -12.30
CA VAL C 164 -30.03 17.41 -12.98
C VAL C 164 -31.19 18.40 -13.09
N GLY C 165 -31.83 18.42 -14.26
CA GLY C 165 -32.98 19.28 -14.49
C GLY C 165 -32.82 20.78 -14.37
N GLY C 166 -31.58 21.26 -14.33
CA GLY C 166 -31.35 22.70 -14.23
C GLY C 166 -31.92 23.30 -12.95
N ARG C 167 -31.91 22.52 -11.87
CA ARG C 167 -32.43 22.99 -10.59
C ARG C 167 -31.73 22.24 -9.45
N PHE C 168 -31.68 22.86 -8.26
CA PHE C 168 -31.07 22.24 -7.10
C PHE C 168 -31.89 21.03 -6.68
N THR C 169 -31.25 19.87 -6.61
CA THR C 169 -31.90 18.63 -6.21
C THR C 169 -31.02 17.89 -5.22
N VAL C 170 -31.52 16.78 -4.70
CA VAL C 170 -30.78 15.97 -3.75
C VAL C 170 -29.45 15.52 -4.37
N ALA C 171 -29.40 15.39 -5.69
CA ALA C 171 -28.16 14.99 -6.36
C ALA C 171 -27.06 16.00 -6.07
N ASP C 172 -27.41 17.28 -6.16
CA ASP C 172 -26.46 18.35 -5.90
C ASP C 172 -26.04 18.30 -4.44
N LEU C 173 -27.03 18.10 -3.58
CA LEU C 173 -26.79 18.05 -2.15
C LEU C 173 -25.79 16.92 -1.83
N ASN C 174 -26.06 15.72 -2.35
CA ASN C 174 -25.18 14.58 -2.13
C ASN C 174 -23.76 14.83 -2.61
N LEU C 175 -23.62 15.32 -3.84
CA LEU C 175 -22.29 15.56 -4.37
C LEU C 175 -21.58 16.66 -3.58
N ALA C 176 -22.28 17.73 -3.28
CA ALA C 176 -21.70 18.85 -2.55
C ALA C 176 -21.15 18.42 -1.19
N GLU C 177 -21.87 17.52 -0.53
CA GLU C 177 -21.41 17.06 0.78
C GLU C 177 -20.17 16.18 0.69
N THR C 178 -20.04 15.38 -0.37
CA THR C 178 -18.84 14.56 -0.49
C THR C 178 -17.64 15.45 -0.83
N LEU C 179 -17.90 16.52 -1.57
CA LEU C 179 -16.81 17.42 -1.95
C LEU C 179 -16.41 18.33 -0.80
N ARG C 180 -17.31 18.53 0.16
CA ARG C 180 -17.01 19.40 1.29
C ARG C 180 -15.79 18.92 2.09
N TYR C 181 -15.54 17.61 2.09
CA TYR C 181 -14.40 17.04 2.81
C TYR C 181 -13.07 17.69 2.41
N GLY C 182 -12.89 17.94 1.12
CA GLY C 182 -11.63 18.52 0.69
C GLY C 182 -11.64 20.02 0.49
N GLN C 183 -12.80 20.63 0.71
CA GLN C 183 -12.98 22.05 0.53
C GLN C 183 -12.03 22.94 1.35
N ALA C 184 -11.52 22.41 2.46
CA ALA C 184 -10.61 23.17 3.30
C ALA C 184 -9.29 23.47 2.59
N HIS C 185 -8.92 22.63 1.62
CA HIS C 185 -7.70 22.90 0.86
C HIS C 185 -8.08 24.04 -0.08
N PRO C 186 -7.59 25.25 0.21
CA PRO C 186 -7.87 26.46 -0.58
C PRO C 186 -7.78 26.35 -2.11
N ALA C 187 -6.70 25.76 -2.60
CA ALA C 187 -6.47 25.63 -4.03
C ALA C 187 -7.27 24.55 -4.75
N LEU C 188 -7.94 23.69 -3.99
CA LEU C 188 -8.70 22.60 -4.57
C LEU C 188 -9.48 22.94 -5.84
N LEU C 189 -10.29 23.99 -5.81
CA LEU C 189 -11.09 24.34 -6.98
C LEU C 189 -10.57 25.52 -7.80
N GLU C 190 -9.33 25.93 -7.58
CA GLU C 190 -8.80 27.04 -8.36
C GLU C 190 -8.82 26.76 -9.86
N PRO C 191 -8.55 25.50 -10.26
CA PRO C 191 -8.56 25.18 -11.70
C PRO C 191 -9.96 24.90 -12.22
N PHE C 192 -10.93 24.85 -11.32
CA PHE C 192 -12.30 24.51 -11.70
C PHE C 192 -13.31 25.56 -11.27
N PRO C 193 -13.28 26.74 -11.91
CA PRO C 193 -14.18 27.86 -11.62
C PRO C 193 -15.67 27.53 -11.68
N ALA C 194 -16.07 26.76 -12.68
CA ALA C 194 -17.48 26.38 -12.82
C ALA C 194 -17.95 25.52 -11.66
N VAL C 195 -17.07 24.65 -11.18
CA VAL C 195 -17.41 23.78 -10.05
C VAL C 195 -17.51 24.63 -8.78
N ALA C 196 -16.59 25.57 -8.61
CA ALA C 196 -16.61 26.42 -7.43
C ALA C 196 -17.87 27.29 -7.41
N ALA C 197 -18.31 27.72 -8.58
CA ALA C 197 -19.51 28.55 -8.68
C ALA C 197 -20.73 27.73 -8.27
N TRP C 198 -20.75 26.48 -8.71
CA TRP C 198 -21.84 25.57 -8.38
C TRP C 198 -21.85 25.29 -6.89
N LEU C 199 -20.69 24.99 -6.32
CA LEU C 199 -20.60 24.70 -4.89
C LEU C 199 -21.06 25.90 -4.07
N ASP C 200 -20.80 27.10 -4.58
CA ASP C 200 -21.21 28.32 -3.91
C ASP C 200 -22.73 28.43 -3.93
N ARG C 201 -23.33 28.12 -5.07
CA ARG C 201 -24.78 28.19 -5.19
C ARG C 201 -25.46 27.21 -4.23
N CYS C 202 -24.83 26.07 -4.01
CA CYS C 202 -25.37 25.07 -3.11
C CYS C 202 -25.19 25.48 -1.64
N GLN C 203 -24.01 25.96 -1.31
CA GLN C 203 -23.73 26.34 0.06
C GLN C 203 -24.28 27.71 0.48
N SER C 204 -24.85 28.43 -0.48
CA SER C 204 -25.44 29.75 -0.21
C SER C 204 -26.88 29.63 0.26
N ARG C 205 -27.45 28.44 0.12
CA ARG C 205 -28.83 28.19 0.53
C ARG C 205 -29.02 28.27 2.04
N PRO C 206 -30.10 28.91 2.48
CA PRO C 206 -30.42 29.06 3.92
C PRO C 206 -30.33 27.77 4.71
N ALA C 207 -30.88 26.69 4.17
CA ALA C 207 -30.87 25.39 4.87
C ALA C 207 -29.47 24.85 5.09
N PHE C 208 -28.55 25.12 4.16
CA PHE C 208 -27.19 24.64 4.33
C PHE C 208 -26.53 25.40 5.47
N ARG C 209 -26.71 26.71 5.48
CA ARG C 209 -26.13 27.54 6.52
C ARG C 209 -26.70 27.17 7.88
N LEU C 210 -27.99 26.82 7.90
CA LEU C 210 -28.64 26.41 9.14
C LEU C 210 -28.01 25.11 9.63
N GLU C 213 -24.57 25.82 11.12
CA GLU C 213 -24.63 26.49 12.41
C GLU C 213 -24.83 25.46 13.50
N ARG C 214 -25.78 24.54 13.29
CA ARG C 214 -26.07 23.49 14.26
C ARG C 214 -24.89 22.55 14.40
N ARG C 215 -24.17 22.34 13.32
CA ARG C 215 -22.99 21.47 13.32
C ARG C 215 -21.91 22.10 14.19
N ALA C 216 -21.68 23.40 13.99
CA ALA C 216 -20.67 24.11 14.76
C ALA C 216 -20.98 24.09 16.25
N ALA C 217 -22.28 24.05 16.56
CA ALA C 217 -22.73 24.03 17.95
C ALA C 217 -22.38 22.77 18.71
N GLU C 218 -22.22 21.64 18.01
CA GLU C 218 -21.87 20.39 18.70
C GLU C 218 -20.42 20.44 19.14
N LEU D 3 36.52 15.96 9.52
CA LEU D 3 35.38 15.01 9.46
C LEU D 3 34.06 15.74 9.29
N LYS D 4 33.43 15.56 8.13
CA LYS D 4 32.17 16.23 7.83
C LYS D 4 31.01 15.26 7.74
N ILE D 5 29.91 15.59 8.41
CA ILE D 5 28.70 14.76 8.39
C ILE D 5 27.54 15.55 7.79
N TYR D 6 26.97 15.03 6.71
CA TYR D 6 25.86 15.67 6.03
C TYR D 6 24.53 15.08 6.46
N GLY D 7 23.59 15.93 6.87
CA GLY D 7 22.27 15.44 7.28
C GLY D 7 21.76 15.91 8.62
N VAL D 8 20.48 16.27 8.67
CA VAL D 8 19.87 16.75 9.90
C VAL D 8 19.66 15.64 10.92
N TYR D 9 19.45 16.02 12.18
CA TYR D 9 19.21 15.06 13.24
C TYR D 9 17.95 14.25 12.98
N ARG D 10 16.97 14.89 12.34
CA ARG D 10 15.71 14.25 12.01
C ARG D 10 15.81 13.44 10.72
N SER D 11 16.78 12.54 10.70
CA SER D 11 17.01 11.67 9.55
C SER D 11 17.90 10.55 10.04
N ARG D 12 18.31 9.66 9.13
CA ARG D 12 19.19 8.57 9.50
C ARG D 12 20.58 9.09 9.90
N ALA D 13 20.82 10.38 9.73
CA ALA D 13 22.10 10.95 10.13
C ALA D 13 22.19 10.85 11.65
N SER D 14 21.06 10.59 12.30
CA SER D 14 21.03 10.47 13.75
C SER D 14 21.93 9.35 14.22
N ARG D 15 22.18 8.38 13.35
CA ARG D 15 23.02 7.25 13.72
C ARG D 15 24.47 7.71 13.90
N PRO D 16 25.09 8.32 12.87
CA PRO D 16 26.47 8.74 13.13
C PRO D 16 26.53 9.91 14.14
N LEU D 17 25.46 10.70 14.20
CA LEU D 17 25.45 11.82 15.15
C LEU D 17 25.45 11.30 16.58
N TRP D 18 24.74 10.20 16.83
CA TRP D 18 24.72 9.60 18.16
C TRP D 18 26.12 9.06 18.49
N LEU D 19 26.76 8.41 17.52
CA LEU D 19 28.09 7.84 17.74
C LEU D 19 29.12 8.92 17.99
N LEU D 20 29.06 10.01 17.22
CA LEU D 20 30.01 11.09 17.40
C LEU D 20 29.84 11.67 18.81
N ALA D 21 28.61 11.64 19.32
CA ALA D 21 28.35 12.15 20.66
C ALA D 21 28.96 11.17 21.68
N GLU D 22 28.86 9.87 21.39
CA GLU D 22 29.43 8.87 22.30
C GLU D 22 30.94 9.05 22.41
N LEU D 23 31.59 9.37 21.30
CA LEU D 23 33.03 9.53 21.27
C LEU D 23 33.49 10.96 21.56
N ASP D 24 32.53 11.86 21.69
CA ASP D 24 32.82 13.27 21.96
C ASP D 24 33.89 13.76 20.98
N LEU D 25 33.74 13.34 19.73
CA LEU D 25 34.66 13.73 18.67
C LEU D 25 34.20 14.99 17.97
N PRO D 26 35.13 15.92 17.71
CA PRO D 26 34.74 17.16 17.03
C PRO D 26 34.50 16.82 15.55
N PHE D 27 33.59 17.53 14.91
CA PHE D 27 33.29 17.28 13.50
C PHE D 27 32.52 18.44 12.92
N GLU D 28 32.49 18.54 11.60
CA GLU D 28 31.75 19.60 10.95
C GLU D 28 30.39 19.07 10.54
N HIS D 29 29.34 19.64 11.11
CA HIS D 29 27.99 19.20 10.79
C HIS D 29 27.40 20.10 9.71
N VAL D 30 27.00 19.48 8.59
CA VAL D 30 26.37 20.20 7.49
C VAL D 30 24.93 19.70 7.47
N PRO D 31 23.99 20.52 7.95
CA PRO D 31 22.56 20.21 8.03
C PRO D 31 21.72 20.10 6.75
N VAL D 32 22.01 19.12 5.90
CA VAL D 32 21.24 18.92 4.67
C VAL D 32 19.89 18.30 5.05
N ILE D 33 18.81 18.90 4.57
CA ILE D 33 17.47 18.40 4.88
C ILE D 33 16.86 17.66 3.71
N GLN D 34 15.93 16.74 4.01
CA GLN D 34 15.24 15.99 2.98
C GLN D 34 14.47 16.96 2.11
N ALA D 35 14.61 16.81 0.81
CA ALA D 35 13.94 17.69 -0.16
C ALA D 35 12.43 17.76 0.02
N ASN D 36 11.81 16.65 0.40
CA ASN D 36 10.35 16.63 0.56
C ASN D 36 9.87 17.46 1.75
N ARG D 37 10.82 17.94 2.55
CA ARG D 37 10.46 18.75 3.71
C ARG D 37 10.68 20.24 3.42
N VAL D 38 10.96 20.53 2.15
CA VAL D 38 11.19 21.90 1.71
C VAL D 38 10.13 22.27 0.67
N ALA D 39 9.51 23.43 0.82
CA ALA D 39 8.48 23.88 -0.11
C ALA D 39 8.96 23.81 -1.55
N HIS D 40 10.06 24.50 -1.84
CA HIS D 40 10.63 24.50 -3.18
C HIS D 40 12.12 24.22 -3.13
N PRO D 41 12.50 22.92 -3.17
CA PRO D 41 13.88 22.44 -3.13
C PRO D 41 14.84 23.20 -4.05
N HIS D 42 14.31 23.82 -5.09
CA HIS D 42 15.14 24.57 -6.03
C HIS D 42 14.76 26.05 -6.08
N GLU D 45 16.45 31.74 -1.47
CA GLU D 45 16.63 30.40 -2.02
C GLU D 45 16.46 29.36 -0.92
N ALA D 46 16.07 28.15 -1.32
CA ALA D 46 15.85 27.06 -0.38
C ALA D 46 17.11 26.63 0.37
N PRO D 47 16.92 25.96 1.52
CA PRO D 47 18.05 25.49 2.31
C PRO D 47 18.70 24.29 1.60
N LEU D 48 19.98 24.08 1.84
CA LEU D 48 20.69 22.97 1.23
C LEU D 48 19.90 21.69 1.53
N ASN D 49 19.49 20.98 0.49
CA ASN D 49 18.70 19.77 0.66
C ASN D 49 19.16 18.61 -0.24
N THR D 50 18.55 17.45 -0.05
CA THR D 50 18.92 16.27 -0.83
C THR D 50 18.76 16.38 -2.33
N ALA D 51 18.05 17.42 -2.80
CA ALA D 51 17.86 17.61 -4.24
C ALA D 51 18.76 18.73 -4.76
N SER D 52 19.46 19.40 -3.85
CA SER D 52 20.35 20.50 -4.25
C SER D 52 21.50 20.00 -5.11
N ALA D 53 21.78 20.69 -6.21
CA ALA D 53 22.89 20.31 -7.08
C ALA D 53 24.19 20.25 -6.29
N ALA D 54 24.33 21.15 -5.33
CA ALA D 54 25.51 21.23 -4.49
C ALA D 54 25.68 20.00 -3.61
N TYR D 55 24.58 19.35 -3.25
CA TYR D 55 24.65 18.15 -2.43
C TYR D 55 24.84 16.93 -3.33
N LEU D 56 24.17 16.91 -4.47
CA LEU D 56 24.29 15.78 -5.38
C LEU D 56 25.75 15.67 -5.85
N ALA D 57 26.50 16.77 -5.69
CA ALA D 57 27.91 16.78 -6.08
C ALA D 57 28.67 15.96 -5.04
N VAL D 58 28.10 15.84 -3.85
CA VAL D 58 28.72 15.09 -2.75
C VAL D 58 28.25 13.63 -2.81
N ASN D 59 26.94 13.42 -2.80
CA ASN D 59 26.36 12.08 -2.88
C ASN D 59 25.34 12.11 -4.01
N PRO D 60 25.72 11.60 -5.20
CA PRO D 60 24.85 11.58 -6.37
C PRO D 60 23.52 10.85 -6.14
N LEU D 61 23.47 10.04 -5.09
CA LEU D 61 22.24 9.32 -4.83
C LEU D 61 21.18 10.23 -4.19
N GLY D 62 21.61 11.38 -3.70
CA GLY D 62 20.66 12.31 -3.11
C GLY D 62 20.00 11.86 -1.82
N GLN D 63 20.79 11.28 -0.93
CA GLN D 63 20.27 10.82 0.36
C GLN D 63 21.20 11.23 1.47
N ILE D 64 20.67 11.30 2.68
CA ILE D 64 21.49 11.62 3.84
C ILE D 64 21.33 10.39 4.75
N PRO D 65 22.34 10.11 5.60
CA PRO D 65 23.59 10.83 5.79
C PRO D 65 24.70 10.49 4.80
N CYS D 66 25.76 11.28 4.87
CA CYS D 66 26.92 11.08 4.03
C CYS D 66 28.11 11.59 4.83
N LEU D 67 29.22 10.87 4.77
CA LEU D 67 30.42 11.27 5.47
C LEU D 67 31.48 11.65 4.45
N GLU D 68 32.25 12.68 4.77
CA GLU D 68 33.32 13.14 3.89
C GLU D 68 34.53 13.36 4.79
N GLU D 69 35.65 12.71 4.49
CA GLU D 69 36.87 12.86 5.27
C GLU D 69 38.15 12.59 4.49
N GLU D 70 38.89 13.65 4.25
CA GLU D 70 40.16 13.60 3.50
C GLU D 70 40.25 12.45 2.51
N GLY D 71 39.73 12.67 1.30
CA GLY D 71 39.80 11.64 0.27
C GLY D 71 38.90 10.43 0.41
N LEU D 72 37.76 10.58 1.08
CA LEU D 72 36.82 9.49 1.25
C LEU D 72 35.41 10.04 1.43
N ILE D 73 34.51 9.60 0.57
CA ILE D 73 33.12 9.99 0.64
C ILE D 73 32.43 8.65 0.92
N LEU D 74 31.75 8.57 2.05
CA LEU D 74 31.10 7.33 2.44
C LEU D 74 29.62 7.52 2.72
N THR D 75 28.78 6.72 2.05
CA THR D 75 27.34 6.79 2.27
C THR D 75 26.91 5.55 3.06
N GLU D 76 25.61 5.50 3.37
CA GLU D 76 24.99 4.42 4.14
C GLU D 76 25.26 4.62 5.63
N SER D 77 24.23 5.08 6.35
CA SER D 77 24.32 5.36 7.77
C SER D 77 24.99 4.30 8.63
N LEU D 78 24.66 3.03 8.39
CA LEU D 78 25.21 1.97 9.21
C LEU D 78 26.69 1.67 8.89
N ALA D 79 27.12 2.01 7.68
CA ALA D 79 28.51 1.81 7.29
C ALA D 79 29.34 2.96 7.84
N ILE D 80 28.74 4.14 7.87
CA ILE D 80 29.44 5.30 8.39
C ILE D 80 29.75 5.12 9.87
N THR D 81 28.79 4.63 10.63
CA THR D 81 28.99 4.42 12.06
C THR D 81 30.08 3.38 12.33
N LEU D 82 30.05 2.27 11.60
CA LEU D 82 31.06 1.24 11.79
C LEU D 82 32.46 1.81 11.47
N HIS D 83 32.56 2.54 10.36
CA HIS D 83 33.83 3.13 9.96
C HIS D 83 34.36 4.09 11.03
N ILE D 84 33.49 4.94 11.55
CA ILE D 84 33.90 5.89 12.58
C ILE D 84 34.30 5.14 13.85
N ALA D 85 33.53 4.12 14.20
CA ALA D 85 33.81 3.35 15.40
C ALA D 85 35.12 2.58 15.33
N ARG D 86 35.47 2.09 14.14
CA ARG D 86 36.70 1.32 13.97
C ARG D 86 37.95 2.17 13.92
N THR D 87 37.80 3.40 13.43
CA THR D 87 38.94 4.28 13.30
C THR D 87 39.17 5.21 14.48
N GLN D 88 38.15 5.40 15.31
CA GLN D 88 38.26 6.30 16.47
C GLN D 88 37.28 5.97 17.60
N GLY D 89 36.59 4.83 17.50
CA GLY D 89 35.60 4.48 18.50
C GLY D 89 36.02 3.78 19.78
N GLY D 90 37.28 3.36 19.87
CA GLY D 90 37.73 2.68 21.07
C GLY D 90 36.97 1.38 21.29
N GLN D 91 36.42 1.21 22.49
CA GLN D 91 35.67 -0.01 22.79
C GLN D 91 34.32 -0.13 22.09
N LEU D 92 33.86 0.96 21.46
CA LEU D 92 32.59 0.89 20.74
C LEU D 92 32.79 0.20 19.39
N GLY D 93 34.05 0.11 18.97
CA GLY D 93 34.39 -0.56 17.73
C GLY D 93 34.81 -1.99 17.98
N PRO D 94 35.10 -2.76 16.93
CA PRO D 94 35.52 -4.16 17.10
C PRO D 94 36.92 -4.33 17.67
N ARG D 95 37.14 -5.43 18.38
CA ARG D 95 38.46 -5.72 18.95
C ARG D 95 39.19 -6.76 18.10
N SER D 96 38.50 -7.29 17.09
CA SER D 96 39.09 -8.30 16.21
C SER D 96 38.32 -8.34 14.91
N GLU D 97 38.86 -9.04 13.92
CA GLU D 97 38.17 -9.14 12.63
C GLU D 97 36.84 -9.86 12.81
N PRO D 98 36.81 -10.94 13.62
CA PRO D 98 35.54 -11.65 13.82
C PRO D 98 34.48 -10.76 14.47
N GLU D 99 34.88 -9.92 15.43
CA GLU D 99 33.92 -9.01 16.06
C GLU D 99 33.43 -8.03 15.00
N ASP D 100 34.35 -7.58 14.16
CA ASP D 100 34.00 -6.66 13.10
C ASP D 100 32.98 -7.34 12.20
N ALA D 101 33.21 -8.61 11.90
CA ALA D 101 32.32 -9.38 11.04
C ALA D 101 30.92 -9.46 11.66
N LEU D 102 30.87 -9.74 12.95
CA LEU D 102 29.59 -9.83 13.64
C LEU D 102 28.88 -8.48 13.62
N VAL D 104 29.12 -6.19 11.32
CA VAL D 104 28.61 -5.96 9.98
C VAL D 104 27.34 -6.79 9.81
N SER D 105 27.39 -8.03 10.30
CA SER D 105 26.23 -8.92 10.19
C SER D 105 25.00 -8.33 10.89
N TRP D 106 25.18 -7.93 12.14
CA TRP D 106 24.07 -7.34 12.89
C TRP D 106 23.52 -6.10 12.20
N SER D 107 24.40 -5.35 11.53
CA SER D 107 23.95 -4.14 10.83
C SER D 107 23.07 -4.48 9.63
N LEU D 108 23.46 -5.51 8.87
CA LEU D 108 22.66 -5.93 7.72
C LEU D 108 21.34 -6.55 8.19
N PHE D 109 21.37 -7.20 9.35
CA PHE D 109 20.17 -7.79 9.91
C PHE D 109 19.26 -6.63 10.28
N ALA D 110 19.84 -5.61 10.92
CA ALA D 110 19.08 -4.43 11.32
C ALA D 110 18.47 -3.74 10.10
N ALA D 111 19.27 -3.56 9.05
CA ALA D 111 18.79 -2.90 7.84
C ALA D 111 17.76 -3.68 7.03
N THR D 112 17.91 -5.00 6.97
CA THR D 112 17.00 -5.82 6.16
C THR D 112 15.81 -6.45 6.87
N ALA D 113 15.98 -6.78 8.15
CA ALA D 113 14.91 -7.44 8.88
C ALA D 113 14.10 -6.52 9.80
N VAL D 114 14.77 -5.53 10.37
CA VAL D 114 14.12 -4.62 11.30
C VAL D 114 13.66 -3.28 10.74
N GLU D 115 14.53 -2.59 10.03
CA GLU D 115 14.16 -1.27 9.52
C GLU D 115 12.96 -1.19 8.58
N PRO D 116 12.84 -2.10 7.60
CA PRO D 116 11.68 -1.97 6.72
C PRO D 116 10.32 -1.96 7.44
N PRO D 117 10.05 -2.98 8.29
CA PRO D 117 8.78 -3.04 9.03
C PRO D 117 8.65 -1.86 10.01
N ALA D 118 9.72 -1.56 10.73
CA ALA D 118 9.70 -0.48 11.71
C ALA D 118 9.41 0.87 11.04
N LEU D 119 10.00 1.09 9.87
CA LEU D 119 9.79 2.31 9.13
C LEU D 119 8.31 2.43 8.73
N GLU D 120 7.71 1.31 8.36
CA GLU D 120 6.32 1.31 7.92
C GLU D 120 5.41 1.75 9.07
N ILE D 121 5.71 1.30 10.28
CA ILE D 121 4.93 1.68 11.44
C ILE D 121 4.99 3.20 11.61
N GLN D 122 6.19 3.77 11.52
CA GLN D 122 6.30 5.22 11.65
C GLN D 122 5.56 5.95 10.55
N LEU D 123 5.70 5.48 9.32
CA LEU D 123 5.04 6.13 8.19
C LEU D 123 3.52 6.13 8.34
N ILE D 124 3.00 5.04 8.91
CA ILE D 124 1.55 4.95 9.10
C ILE D 124 1.09 5.91 10.18
N GLN D 125 1.86 6.00 11.26
CA GLN D 125 1.51 6.87 12.38
C GLN D 125 1.48 8.36 12.01
N ARG D 126 2.34 8.77 11.08
CA ARG D 126 2.39 10.16 10.69
C ARG D 126 1.49 10.49 9.49
N SER D 127 0.78 9.48 8.98
CA SER D 127 -0.10 9.68 7.84
C SER D 127 -1.47 10.25 8.24
N GLY D 128 -2.21 10.75 7.25
CA GLY D 128 -3.52 11.31 7.51
C GLY D 128 -4.45 10.36 8.25
N GLY D 129 -4.48 9.10 7.83
CA GLY D 129 -5.34 8.14 8.48
C GLY D 129 -4.62 7.26 9.49
N GLY D 130 -3.52 7.78 10.04
CA GLY D 130 -2.74 7.02 10.99
C GLY D 130 -3.44 6.64 12.30
N THR D 131 -4.28 7.53 12.80
CA THR D 131 -4.99 7.27 14.05
C THR D 131 -6.40 6.73 13.81
N SER D 132 -6.67 6.33 12.57
CA SER D 132 -7.97 5.78 12.19
C SER D 132 -7.95 4.27 12.43
N PRO D 133 -9.13 3.61 12.40
CA PRO D 133 -9.17 2.16 12.61
C PRO D 133 -8.30 1.41 11.59
N GLU D 134 -8.35 1.85 10.34
CA GLU D 134 -7.56 1.23 9.27
C GLU D 134 -6.10 1.41 9.64
N GLY D 135 -5.77 2.59 10.13
CA GLY D 135 -4.40 2.89 10.51
C GLY D 135 -3.90 1.93 11.58
N GLN D 136 -4.71 1.74 12.61
CA GLN D 136 -4.35 0.84 13.70
C GLN D 136 -4.19 -0.59 13.20
N ALA D 137 -4.98 -0.97 12.22
CA ALA D 137 -4.91 -2.32 11.67
C ALA D 137 -3.63 -2.49 10.86
N ALA D 138 -3.27 -1.45 10.11
CA ALA D 138 -2.06 -1.50 9.28
C ALA D 138 -0.81 -1.58 10.15
N ILE D 139 -0.81 -0.86 11.26
CA ILE D 139 0.33 -0.87 12.15
C ILE D 139 0.52 -2.25 12.77
N ALA D 140 -0.60 -2.88 13.15
CA ALA D 140 -0.56 -4.22 13.75
C ALA D 140 0.05 -5.23 12.77
N ILE D 141 -0.26 -5.05 11.49
CA ILE D 141 0.25 -5.93 10.44
C ILE D 141 1.73 -5.68 10.24
N ALA D 142 2.12 -4.41 10.26
CA ALA D 142 3.51 -4.03 10.10
C ALA D 142 4.29 -4.62 11.28
N ALA D 143 3.68 -4.59 12.46
CA ALA D 143 4.33 -5.11 13.65
C ALA D 143 4.55 -6.61 13.59
N GLU D 144 3.67 -7.33 12.89
CA GLU D 144 3.81 -8.77 12.77
C GLU D 144 5.07 -9.14 12.00
N ARG D 145 5.44 -8.30 11.03
CA ARG D 145 6.64 -8.54 10.24
C ARG D 145 7.88 -8.55 11.14
N LEU D 146 7.75 -7.94 12.31
CA LEU D 146 8.86 -7.86 13.25
C LEU D 146 8.92 -8.99 14.27
N ARG D 147 7.88 -9.83 14.30
CA ARG D 147 7.88 -10.92 15.28
C ARG D 147 9.08 -11.84 15.18
N ARG D 148 9.38 -12.33 13.97
CA ARG D 148 10.51 -13.21 13.78
C ARG D 148 11.82 -12.59 14.25
N PRO D 149 12.15 -11.39 13.74
CA PRO D 149 13.42 -10.82 14.21
C PRO D 149 13.40 -10.48 15.70
N LEU D 150 12.28 -9.97 16.19
CA LEU D 150 12.20 -9.62 17.61
C LEU D 150 12.32 -10.84 18.50
N ALA D 151 11.66 -11.93 18.13
CA ALA D 151 11.72 -13.14 18.93
C ALA D 151 13.16 -13.65 18.96
N ARG D 152 13.85 -13.49 17.83
CA ARG D 152 15.24 -13.94 17.74
C ARG D 152 16.12 -13.10 18.65
N LEU D 153 15.85 -11.80 18.71
CA LEU D 153 16.63 -10.92 19.57
C LEU D 153 16.36 -11.27 21.03
N GLU D 154 15.10 -11.59 21.33
CA GLU D 154 14.70 -11.95 22.69
C GLU D 154 15.49 -13.14 23.20
N ARG D 155 15.76 -14.10 22.32
CA ARG D 155 16.51 -15.29 22.69
C ARG D 155 17.98 -14.94 22.90
N HIS D 156 18.50 -14.03 22.09
CA HIS D 156 19.89 -13.61 22.24
C HIS D 156 20.09 -12.82 23.54
N PHE D 157 19.23 -11.84 23.76
CA PHE D 157 19.34 -11.00 24.96
C PHE D 157 18.98 -11.73 26.25
N ALA D 158 18.43 -12.94 26.12
CA ALA D 158 18.06 -13.71 27.31
C ALA D 158 19.35 -14.23 27.94
N ALA D 159 20.42 -14.26 27.16
CA ALA D 159 21.71 -14.73 27.64
C ALA D 159 22.76 -13.63 27.73
N GLU D 160 22.66 -12.65 26.84
CA GLU D 160 23.62 -11.54 26.79
C GLU D 160 22.91 -10.21 26.96
N ASP D 161 23.64 -9.22 27.47
CA ASP D 161 23.09 -7.88 27.66
C ASP D 161 23.27 -7.03 26.41
N TYR D 162 24.21 -7.42 25.57
CA TYR D 162 24.46 -6.68 24.32
C TYR D 162 24.66 -7.64 23.15
N LEU D 163 24.67 -7.11 21.94
CA LEU D 163 24.82 -7.95 20.75
C LEU D 163 26.17 -8.64 20.64
N VAL D 164 27.25 -7.86 20.80
CA VAL D 164 28.59 -8.40 20.66
C VAL D 164 29.52 -8.09 21.82
N GLY D 165 30.31 -9.10 22.21
CA GLY D 165 31.28 -8.92 23.28
C GLY D 165 30.78 -8.57 24.67
N GLY D 166 29.48 -8.64 24.90
CA GLY D 166 28.93 -8.34 26.21
C GLY D 166 29.14 -6.90 26.63
N ARG D 167 29.22 -6.00 25.66
CA ARG D 167 29.40 -4.59 25.93
C ARG D 167 28.68 -3.80 24.84
N PHE D 168 28.35 -2.55 25.12
CA PHE D 168 27.68 -1.70 24.16
C PHE D 168 28.67 -1.37 23.06
N THR D 169 28.25 -1.54 21.80
CA THR D 169 29.11 -1.24 20.66
C THR D 169 28.28 -0.61 19.56
N VAL D 170 28.94 -0.21 18.48
CA VAL D 170 28.24 0.40 17.37
C VAL D 170 27.19 -0.59 16.82
N ALA D 171 27.34 -1.87 17.15
CA ALA D 171 26.37 -2.85 16.68
C ALA D 171 25.02 -2.58 17.35
N ASP D 172 25.04 -2.38 18.65
CA ASP D 172 23.81 -2.10 19.39
C ASP D 172 23.23 -0.77 18.93
N LEU D 173 24.10 0.21 18.73
CA LEU D 173 23.67 1.53 18.30
C LEU D 173 22.92 1.44 16.97
N ASN D 174 23.50 0.71 16.01
CA ASN D 174 22.89 0.55 14.71
C ASN D 174 21.52 -0.13 14.80
N LEU D 175 21.45 -1.26 15.48
CA LEU D 175 20.17 -1.96 15.61
C LEU D 175 19.17 -1.10 16.39
N ALA D 176 19.63 -0.52 17.49
CA ALA D 176 18.75 0.31 18.31
C ALA D 176 18.08 1.41 17.50
N GLU D 177 18.80 2.03 16.56
CA GLU D 177 18.22 3.09 15.77
C GLU D 177 17.22 2.58 14.73
N THR D 178 17.48 1.42 14.15
CA THR D 178 16.56 0.90 13.16
C THR D 178 15.23 0.56 13.84
N LEU D 179 15.30 0.17 15.10
CA LEU D 179 14.11 -0.20 15.86
C LEU D 179 13.35 1.03 16.36
N ARG D 180 14.05 2.12 16.60
CA ARG D 180 13.40 3.35 17.08
C ARG D 180 12.25 3.78 16.17
N TYR D 181 12.31 3.42 14.90
CA TYR D 181 11.25 3.78 13.96
C TYR D 181 9.88 3.28 14.42
N GLY D 182 9.83 2.08 14.99
CA GLY D 182 8.56 1.55 15.43
C GLY D 182 8.30 1.66 16.92
N GLN D 183 9.18 2.36 17.62
CA GLN D 183 9.06 2.51 19.07
C GLN D 183 7.79 3.25 19.52
N ALA D 184 7.23 4.09 18.66
CA ALA D 184 6.02 4.84 19.01
C ALA D 184 4.79 3.92 19.17
N HIS D 185 4.90 2.68 18.68
CA HIS D 185 3.81 1.72 18.82
C HIS D 185 3.94 1.16 20.24
N PRO D 186 3.00 1.52 21.12
CA PRO D 186 2.97 1.10 22.52
C PRO D 186 3.24 -0.38 22.82
N ALA D 187 2.54 -1.27 22.13
CA ALA D 187 2.68 -2.70 22.37
C ALA D 187 3.82 -3.41 21.65
N LEU D 188 4.57 -2.69 20.83
CA LEU D 188 5.66 -3.30 20.08
C LEU D 188 6.52 -4.30 20.86
N LEU D 189 7.05 -3.90 22.00
CA LEU D 189 7.92 -4.77 22.78
C LEU D 189 7.32 -5.46 23.99
N GLU D 190 6.01 -5.38 24.16
CA GLU D 190 5.38 -6.03 25.30
C GLU D 190 5.72 -7.52 25.34
N PRO D 191 5.67 -8.20 24.19
CA PRO D 191 5.99 -9.64 24.18
C PRO D 191 7.48 -9.93 24.33
N PHE D 192 8.32 -8.90 24.28
CA PHE D 192 9.77 -9.09 24.34
C PHE D 192 10.50 -8.27 25.42
N PRO D 193 10.34 -8.67 26.69
CA PRO D 193 10.97 -7.99 27.83
C PRO D 193 12.48 -7.86 27.72
N ALA D 194 13.14 -8.90 27.18
CA ALA D 194 14.58 -8.87 27.04
C ALA D 194 15.01 -7.81 26.03
N VAL D 195 14.23 -7.67 24.96
CA VAL D 195 14.55 -6.67 23.95
C VAL D 195 14.30 -5.28 24.52
N ALA D 196 13.21 -5.14 25.27
CA ALA D 196 12.88 -3.86 25.87
C ALA D 196 13.96 -3.44 26.86
N ALA D 197 14.46 -4.40 27.64
CA ALA D 197 15.49 -4.11 28.64
C ALA D 197 16.78 -3.66 27.96
N TRP D 198 17.13 -4.33 26.87
CA TRP D 198 18.33 -3.99 26.11
C TRP D 198 18.17 -2.60 25.49
N LEU D 199 17.02 -2.35 24.88
CA LEU D 199 16.80 -1.07 24.25
C LEU D 199 16.90 0.04 25.28
N ASP D 200 16.39 -0.20 26.48
CA ASP D 200 16.45 0.80 27.54
C ASP D 200 17.90 1.04 27.98
N ARG D 201 18.72 -0.01 27.92
CA ARG D 201 20.11 0.13 28.31
C ARG D 201 20.83 1.03 27.32
N CYS D 202 20.43 0.95 26.05
CA CYS D 202 21.03 1.77 25.00
C CYS D 202 20.56 3.21 25.03
N GLN D 203 19.26 3.40 25.21
CA GLN D 203 18.71 4.74 25.21
C GLN D 203 18.85 5.48 26.54
N SER D 204 19.39 4.81 27.56
CA SER D 204 19.58 5.48 28.84
C SER D 204 20.96 6.12 28.86
N ARG D 205 21.77 5.82 27.84
CA ARG D 205 23.11 6.37 27.75
C ARG D 205 23.11 7.87 27.51
N PRO D 206 23.98 8.60 28.23
CA PRO D 206 24.05 10.06 28.08
C PRO D 206 24.12 10.53 26.63
N ALA D 207 24.93 9.87 25.81
CA ALA D 207 25.08 10.29 24.41
C ALA D 207 23.80 10.18 23.60
N PHE D 208 22.98 9.18 23.91
CA PHE D 208 21.73 9.02 23.19
C PHE D 208 20.83 10.18 23.60
N ARG D 209 20.77 10.44 24.90
CA ARG D 209 19.94 11.51 25.40
C ARG D 209 20.37 12.84 24.80
N LEU D 210 21.68 13.05 24.70
CA LEU D 210 22.22 14.28 24.13
C LEU D 210 21.81 14.40 22.65
N GLU D 213 18.18 15.32 22.40
CA GLU D 213 17.92 16.69 22.83
C GLU D 213 18.28 17.61 21.68
N ARG D 214 19.34 17.28 20.95
CA ARG D 214 19.74 18.09 19.81
C ARG D 214 18.73 17.92 18.68
N ARG D 215 18.13 16.73 18.61
CA ARG D 215 17.13 16.43 17.59
C ARG D 215 15.85 17.23 17.87
N ALA D 216 15.52 17.36 19.15
CA ALA D 216 14.31 18.10 19.54
C ALA D 216 14.45 19.59 19.24
N ALA D 217 15.64 20.13 19.48
CA ALA D 217 15.92 21.55 19.27
C ALA D 217 15.96 21.90 17.78
N GLU D 218 16.12 20.89 16.94
CA GLU D 218 16.20 21.10 15.50
C GLU D 218 14.86 21.49 14.89
#